data_7ONS
#
_entry.id   7ONS
#
_cell.length_a   48.487
_cell.length_b   93.011
_cell.length_c   163.260
_cell.angle_alpha   90.000
_cell.angle_beta   90.000
_cell.angle_gamma   90.000
#
_symmetry.space_group_name_H-M   'P 21 21 21'
#
loop_
_entity.id
_entity.type
_entity.pdbx_description
1 polymer 'Poly [ADP-ribose] polymerase 1'
2 non-polymer 7-[[4-(1,5-dimethylimidazol-2-yl)piperazin-1-yl]methyl]-3-ethyl-1~{H}-quinolin-2-one
3 non-polymer 'SULFATE ION'
4 water water
#
_entity_poly.entity_id   1
_entity_poly.type   'polypeptide(L)'
_entity_poly.pdbx_seq_one_letter_code
;GSKSKLPKPVQDLIKMIFDVESMKKAMVEYEIDLQKMPLGKLSKRQIQAAYSILSEVQQAVSQGSSDSQILDLSNRFYTL
IPHDFGMKKPPLLNNADSVQAKAEMLDNLLDIEVAYSLLRGGSDDSSKDPIDVNYEKLKTDIKVVDRDSEEAEIIRKYVK
NTHATTHNAYDLEVIDIFKIEREGECQRYKPFKQLHNRRLLWHGSRTTNFAGILSQGLRIAPPEAPVTGYMFGKGIYFAD
MVSKSANYCHTSQGDPIGLILLGEVALGNMYELKHASHISKLPKGKHSVKGLGKTTPDPSANISLDGVDVPLGTGISSGV
NDTSLLYNEYIVYDIAQVNLKYLLKLKFNFKT
;
_entity_poly.pdbx_strand_id   A,B
#
# COMPACT_ATOMS: atom_id res chain seq x y z
N LYS A 3 0.64 18.80 -50.43
CA LYS A 3 -0.04 17.65 -49.85
C LYS A 3 0.97 16.60 -49.34
N SER A 4 0.64 15.99 -48.21
CA SER A 4 1.49 14.99 -47.58
C SER A 4 1.66 13.72 -48.39
N LYS A 5 2.90 13.18 -48.40
CA LYS A 5 3.24 11.92 -49.08
C LYS A 5 3.16 10.75 -48.09
N LEU A 6 2.86 11.05 -46.81
CA LEU A 6 2.74 10.02 -45.78
C LEU A 6 1.61 9.06 -46.12
N PRO A 7 1.75 7.76 -45.79
CA PRO A 7 0.63 6.83 -46.03
C PRO A 7 -0.65 7.33 -45.33
N LYS A 8 -1.85 7.10 -45.93
CA LYS A 8 -3.12 7.52 -45.34
C LYS A 8 -3.33 7.05 -43.86
N PRO A 9 -2.97 5.80 -43.47
CA PRO A 9 -3.12 5.41 -42.06
C PRO A 9 -2.26 6.25 -41.10
N VAL A 10 -1.04 6.65 -41.52
CA VAL A 10 -0.15 7.48 -40.69
C VAL A 10 -0.77 8.88 -40.57
N GLN A 11 -1.30 9.43 -41.68
CA GLN A 11 -1.95 10.73 -41.69
C GLN A 11 -3.16 10.75 -40.73
N ASP A 12 -3.97 9.67 -40.75
CA ASP A 12 -5.14 9.56 -39.86
C ASP A 12 -4.70 9.46 -38.39
N LEU A 13 -3.59 8.76 -38.12
CA LEU A 13 -3.00 8.67 -36.79
C LEU A 13 -2.60 10.07 -36.29
N ILE A 14 -1.85 10.85 -37.12
CA ILE A 14 -1.41 12.21 -36.76
C ILE A 14 -2.64 13.08 -36.44
N LYS A 15 -3.68 13.06 -37.32
CA LYS A 15 -4.90 13.82 -37.13
C LYS A 15 -5.53 13.52 -35.75
N MET A 16 -5.68 12.24 -35.43
CA MET A 16 -6.24 11.72 -34.19
C MET A 16 -5.52 12.28 -32.94
N ILE A 17 -4.19 12.12 -32.87
CA ILE A 17 -3.42 12.44 -31.67
C ILE A 17 -3.21 13.95 -31.47
N PHE A 18 -3.36 14.76 -32.52
CA PHE A 18 -3.21 16.20 -32.35
C PHE A 18 -4.55 16.93 -32.36
N ASP A 19 -5.67 16.19 -32.21
CA ASP A 19 -7.02 16.78 -32.23
C ASP A 19 -7.27 17.59 -30.93
N VAL A 20 -7.33 18.92 -31.06
CA VAL A 20 -7.55 19.88 -29.95
C VAL A 20 -8.93 19.67 -29.29
N GLU A 21 -9.97 19.36 -30.08
CA GLU A 21 -11.32 19.11 -29.55
C GLU A 21 -11.36 17.87 -28.67
N SER A 22 -10.54 16.86 -29.00
CA SER A 22 -10.42 15.64 -28.19
C SER A 22 -9.74 15.92 -26.85
N MET A 23 -8.76 16.86 -26.83
CA MET A 23 -8.04 17.27 -25.63
C MET A 23 -9.02 17.93 -24.66
N LYS A 24 -9.87 18.84 -25.19
CA LYS A 24 -10.92 19.55 -24.43
C LYS A 24 -11.93 18.56 -23.80
N LYS A 25 -12.38 17.59 -24.59
CA LYS A 25 -13.32 16.54 -24.17
C LYS A 25 -12.75 15.72 -23.02
N ALA A 26 -11.44 15.36 -23.10
CA ALA A 26 -10.74 14.62 -22.05
C ALA A 26 -10.76 15.40 -20.74
N MET A 27 -10.55 16.72 -20.81
CA MET A 27 -10.55 17.61 -19.65
C MET A 27 -11.95 17.71 -19.03
N VAL A 28 -13.01 17.74 -19.88
CA VAL A 28 -14.42 17.79 -19.46
C VAL A 28 -14.74 16.51 -18.70
N GLU A 29 -14.29 15.36 -19.23
CA GLU A 29 -14.44 14.05 -18.60
C GLU A 29 -13.79 14.04 -17.20
N TYR A 30 -12.64 14.72 -17.08
N TYR A 30 -12.62 14.69 -17.06
CA TYR A 30 -11.88 14.81 -15.84
CA TYR A 30 -11.88 14.77 -15.79
C TYR A 30 -12.46 15.85 -14.88
C TYR A 30 -12.53 15.74 -14.80
N GLU A 31 -13.68 16.35 -15.20
CA GLU A 31 -14.51 17.30 -14.44
C GLU A 31 -13.84 18.67 -14.25
N ILE A 32 -12.92 19.05 -15.15
CA ILE A 32 -12.19 20.31 -15.11
C ILE A 32 -13.07 21.46 -15.64
N ASP A 33 -12.95 22.67 -15.04
CA ASP A 33 -13.68 23.86 -15.46
C ASP A 33 -12.90 24.51 -16.59
N LEU A 34 -13.33 24.32 -17.86
CA LEU A 34 -12.67 24.87 -19.05
C LEU A 34 -12.72 26.40 -19.12
N GLN A 35 -13.74 27.04 -18.52
CA GLN A 35 -13.86 28.50 -18.49
C GLN A 35 -12.77 29.10 -17.60
N LYS A 36 -12.50 28.47 -16.43
CA LYS A 36 -11.48 28.91 -15.48
C LYS A 36 -10.08 28.39 -15.85
N MET A 37 -10.00 27.13 -16.38
CA MET A 37 -8.74 26.51 -16.81
C MET A 37 -8.80 25.94 -18.23
N PRO A 38 -8.76 26.80 -19.30
CA PRO A 38 -8.75 26.25 -20.66
C PRO A 38 -7.42 25.58 -21.00
N LEU A 39 -7.36 24.86 -22.15
CA LEU A 39 -6.19 24.15 -22.65
C LEU A 39 -4.92 25.01 -22.65
N GLY A 40 -5.02 26.23 -23.16
CA GLY A 40 -3.92 27.19 -23.24
C GLY A 40 -3.35 27.63 -21.91
N LYS A 41 -4.16 27.54 -20.83
CA LYS A 41 -3.75 27.93 -19.49
C LYS A 41 -3.03 26.83 -18.71
N LEU A 42 -3.17 25.56 -19.13
CA LEU A 42 -2.52 24.41 -18.50
C LEU A 42 -1.00 24.57 -18.50
N SER A 43 -0.36 24.43 -17.34
CA SER A 43 1.10 24.52 -17.25
C SER A 43 1.66 23.40 -16.36
N LYS A 44 2.93 23.01 -16.61
CA LYS A 44 3.64 22.00 -15.83
C LYS A 44 3.72 22.44 -14.37
N ARG A 45 4.01 23.75 -14.14
CA ARG A 45 4.09 24.39 -12.83
C ARG A 45 2.81 24.16 -11.99
N GLN A 46 1.61 24.43 -12.56
CA GLN A 46 0.32 24.26 -11.88
C GLN A 46 0.05 22.77 -11.58
N ILE A 47 0.32 21.87 -12.57
CA ILE A 47 0.17 20.42 -12.42
C ILE A 47 1.07 19.94 -11.27
N GLN A 48 2.36 20.35 -11.25
CA GLN A 48 3.37 20.03 -10.25
C GLN A 48 2.88 20.47 -8.86
N ALA A 49 2.36 21.72 -8.76
CA ALA A 49 1.82 22.24 -7.50
C ALA A 49 0.59 21.42 -7.03
N ALA A 50 -0.26 20.94 -7.95
CA ALA A 50 -1.45 20.13 -7.60
C ALA A 50 -1.02 18.74 -7.10
N TYR A 51 0.02 18.13 -7.74
CA TYR A 51 0.58 16.86 -7.26
C TYR A 51 1.02 17.03 -5.81
N SER A 52 1.72 18.15 -5.47
CA SER A 52 2.18 18.38 -4.09
C SER A 52 1.01 18.41 -3.12
N ILE A 53 -0.12 19.09 -3.47
CA ILE A 53 -1.31 19.17 -2.59
C ILE A 53 -1.84 17.75 -2.36
N LEU A 54 -1.88 16.93 -3.43
CA LEU A 54 -2.29 15.54 -3.40
C LEU A 54 -1.46 14.75 -2.42
N SER A 55 -0.12 14.95 -2.44
CA SER A 55 0.81 14.32 -1.52
C SER A 55 0.56 14.79 -0.08
N GLU A 56 0.08 16.05 0.09
CA GLU A 56 -0.29 16.60 1.41
C GLU A 56 -1.56 15.89 1.89
N VAL A 57 -2.54 15.69 0.97
CA VAL A 57 -3.78 14.97 1.27
C VAL A 57 -3.45 13.51 1.65
N GLN A 58 -2.53 12.84 0.91
CA GLN A 58 -2.06 11.46 1.21
C GLN A 58 -1.56 11.34 2.66
N GLN A 59 -0.84 12.36 3.17
CA GLN A 59 -0.31 12.36 4.52
C GLN A 59 -1.41 12.57 5.55
N ALA A 60 -2.35 13.49 5.28
CA ALA A 60 -3.46 13.78 6.17
C ALA A 60 -4.43 12.59 6.29
N VAL A 61 -4.66 11.85 5.17
CA VAL A 61 -5.53 10.65 5.15
C VAL A 61 -4.89 9.49 5.95
N SER A 62 -3.56 9.30 5.83
CA SER A 62 -2.86 8.23 6.52
C SER A 62 -2.65 8.49 8.02
N GLN A 63 -2.44 9.75 8.42
CA GLN A 63 -2.21 10.13 9.81
C GLN A 63 -3.52 10.41 10.59
N GLY A 64 -4.65 10.11 9.96
CA GLY A 64 -5.99 10.22 10.51
C GLY A 64 -6.44 11.61 10.90
N SER A 65 -6.18 12.60 10.01
CA SER A 65 -6.60 13.98 10.25
C SER A 65 -8.12 14.07 10.13
N SER A 66 -8.71 15.04 10.84
CA SER A 66 -10.17 15.25 10.83
C SER A 66 -10.62 15.70 9.44
N ASP A 67 -11.91 15.47 9.12
CA ASP A 67 -12.46 15.93 7.84
C ASP A 67 -12.46 17.47 7.80
N SER A 68 -12.56 18.12 8.98
CA SER A 68 -12.52 19.58 9.17
C SER A 68 -11.15 20.14 8.74
N GLN A 69 -10.05 19.43 9.09
CA GLN A 69 -8.67 19.80 8.72
C GLN A 69 -8.38 19.50 7.24
N ILE A 70 -8.97 18.39 6.72
CA ILE A 70 -8.81 17.93 5.34
C ILE A 70 -9.49 18.89 4.34
N LEU A 71 -10.59 19.56 4.75
CA LEU A 71 -11.35 20.51 3.91
C LEU A 71 -10.45 21.59 3.29
N ASP A 72 -9.48 22.11 4.07
CA ASP A 72 -8.55 23.13 3.61
C ASP A 72 -7.58 22.61 2.56
N LEU A 73 -7.12 21.33 2.68
CA LEU A 73 -6.19 20.76 1.69
C LEU A 73 -6.94 20.47 0.41
N SER A 74 -8.19 19.96 0.53
CA SER A 74 -9.09 19.64 -0.57
C SER A 74 -9.43 20.92 -1.34
N ASN A 75 -9.80 22.00 -0.61
CA ASN A 75 -10.08 23.30 -1.26
C ASN A 75 -8.81 23.83 -1.99
N ARG A 76 -7.61 23.66 -1.38
CA ARG A 76 -6.32 24.09 -1.94
C ARG A 76 -6.13 23.45 -3.31
N PHE A 77 -6.42 22.15 -3.42
CA PHE A 77 -6.34 21.40 -4.67
C PHE A 77 -7.25 22.03 -5.73
N TYR A 78 -8.51 22.31 -5.39
CA TYR A 78 -9.48 22.89 -6.34
C TYR A 78 -9.15 24.32 -6.74
N THR A 79 -8.39 25.02 -5.89
CA THR A 79 -7.92 26.36 -6.20
C THR A 79 -6.88 26.25 -7.33
N LEU A 80 -5.97 25.26 -7.26
CA LEU A 80 -4.96 25.09 -8.30
C LEU A 80 -5.52 24.51 -9.58
N ILE A 81 -6.44 23.57 -9.46
CA ILE A 81 -7.06 22.91 -10.62
C ILE A 81 -8.58 23.12 -10.56
N PRO A 82 -9.11 24.20 -11.19
CA PRO A 82 -10.57 24.45 -11.13
C PRO A 82 -11.42 23.33 -11.72
N HIS A 83 -12.40 22.85 -10.94
CA HIS A 83 -13.31 21.79 -11.35
C HIS A 83 -14.71 22.36 -11.59
N ASP A 84 -15.47 21.73 -12.50
CA ASP A 84 -16.81 22.21 -12.88
C ASP A 84 -17.85 21.85 -11.84
N PHE A 85 -18.40 22.91 -11.17
CA PHE A 85 -19.47 22.80 -10.16
C PHE A 85 -20.43 24.00 -10.17
N GLY A 86 -19.91 25.20 -10.44
CA GLY A 86 -20.68 26.44 -10.46
C GLY A 86 -20.71 27.11 -9.10
N MET A 87 -21.91 27.47 -8.62
CA MET A 87 -22.10 28.07 -7.29
C MET A 87 -22.29 26.96 -6.22
N LYS A 88 -21.75 25.77 -6.53
CA LYS A 88 -21.81 24.55 -5.72
C LYS A 88 -20.52 24.27 -4.93
N LYS A 89 -20.61 23.35 -3.95
CA LYS A 89 -19.52 22.86 -3.11
C LYS A 89 -18.97 21.54 -3.69
N PRO A 90 -17.66 21.48 -4.01
CA PRO A 90 -17.09 20.25 -4.62
C PRO A 90 -16.95 19.05 -3.67
N PRO A 91 -16.77 17.79 -4.17
CA PRO A 91 -16.57 16.65 -3.25
C PRO A 91 -15.24 16.70 -2.49
N LEU A 92 -15.23 16.17 -1.26
CA LEU A 92 -14.04 16.15 -0.40
C LEU A 92 -13.00 15.14 -0.84
N LEU A 93 -11.73 15.57 -0.88
CA LEU A 93 -10.62 14.65 -1.16
C LEU A 93 -10.13 14.23 0.20
N ASN A 94 -10.81 13.22 0.77
CA ASN A 94 -10.60 12.74 2.12
C ASN A 94 -10.26 11.26 2.21
N ASN A 95 -9.87 10.63 1.07
CA ASN A 95 -9.56 9.21 1.05
C ASN A 95 -8.54 8.81 -0.02
N ALA A 96 -8.02 7.57 0.07
CA ALA A 96 -7.05 6.98 -0.85
C ALA A 96 -7.57 6.88 -2.29
N ASP A 97 -8.88 6.54 -2.47
CA ASP A 97 -9.50 6.44 -3.79
C ASP A 97 -9.52 7.80 -4.49
N SER A 98 -9.80 8.89 -3.74
CA SER A 98 -9.84 10.27 -4.21
C SER A 98 -8.44 10.71 -4.67
N VAL A 99 -7.40 10.37 -3.86
CA VAL A 99 -6.00 10.68 -4.14
C VAL A 99 -5.56 9.97 -5.44
N GLN A 100 -5.89 8.68 -5.55
CA GLN A 100 -5.58 7.85 -6.70
C GLN A 100 -6.24 8.39 -7.99
N ALA A 101 -7.52 8.77 -7.93
CA ALA A 101 -8.22 9.31 -9.09
C ALA A 101 -7.66 10.64 -9.55
N LYS A 102 -7.27 11.52 -8.60
CA LYS A 102 -6.70 12.82 -8.93
C LYS A 102 -5.26 12.71 -9.45
N ALA A 103 -4.48 11.72 -8.98
CA ALA A 103 -3.11 11.54 -9.47
C ALA A 103 -3.15 11.02 -10.91
N GLU A 104 -4.10 10.12 -11.18
CA GLU A 104 -4.34 9.57 -12.51
C GLU A 104 -4.75 10.72 -13.47
N MET A 105 -5.64 11.62 -13.03
CA MET A 105 -6.05 12.79 -13.82
C MET A 105 -4.84 13.68 -14.13
N LEU A 106 -4.02 13.99 -13.13
CA LEU A 106 -2.82 14.85 -13.34
C LEU A 106 -1.80 14.22 -14.30
N ASP A 107 -1.62 12.87 -14.24
CA ASP A 107 -0.74 12.11 -15.14
C ASP A 107 -1.21 12.33 -16.60
N ASN A 108 -2.54 12.35 -16.81
CA ASN A 108 -3.13 12.60 -18.11
C ASN A 108 -2.98 14.03 -18.55
N LEU A 109 -3.12 14.99 -17.60
CA LEU A 109 -2.94 16.42 -17.89
C LEU A 109 -1.51 16.72 -18.34
N LEU A 110 -0.50 15.99 -17.83
CA LEU A 110 0.89 16.16 -18.27
C LEU A 110 1.10 15.82 -19.74
N ASP A 111 0.43 14.75 -20.21
CA ASP A 111 0.53 14.36 -21.62
C ASP A 111 -0.23 15.34 -22.52
N ILE A 112 -1.41 15.81 -22.09
CA ILE A 112 -2.23 16.78 -22.84
C ILE A 112 -1.47 18.12 -22.95
N GLU A 113 -0.78 18.53 -21.85
CA GLU A 113 0.00 19.80 -21.87
C GLU A 113 1.11 19.68 -22.92
N VAL A 114 1.80 18.50 -23.00
CA VAL A 114 2.88 18.27 -23.97
C VAL A 114 2.33 18.44 -25.38
N ALA A 115 1.21 17.74 -25.69
CA ALA A 115 0.57 17.78 -27.01
C ALA A 115 0.20 19.20 -27.41
N TYR A 116 -0.41 19.95 -26.48
CA TYR A 116 -0.78 21.33 -26.75
C TYR A 116 0.46 22.24 -26.90
N SER A 117 1.54 22.01 -26.11
CA SER A 117 2.77 22.80 -26.23
C SER A 117 3.47 22.57 -27.57
N LEU A 118 3.41 21.34 -28.11
CA LEU A 118 3.95 21.02 -29.43
C LEU A 118 3.22 21.80 -30.56
N LEU A 119 1.90 21.95 -30.44
CA LEU A 119 1.11 22.70 -31.42
C LEU A 119 1.35 24.19 -31.38
N ARG A 120 1.64 24.75 -30.20
CA ARG A 120 1.83 26.20 -30.08
C ARG A 120 3.27 26.68 -30.20
N GLY A 121 4.20 25.79 -29.91
CA GLY A 121 5.62 26.13 -29.83
C GLY A 121 6.46 26.09 -31.08
N GLY A 122 5.87 25.90 -32.25
CA GLY A 122 6.65 25.81 -33.48
C GLY A 122 6.51 26.98 -34.43
N SER A 123 6.72 26.69 -35.72
CA SER A 123 6.61 27.68 -36.79
C SER A 123 5.28 27.55 -37.53
N ASP A 124 4.89 28.59 -38.26
CA ASP A 124 3.64 28.65 -39.02
C ASP A 124 3.97 28.87 -40.49
N ASP A 125 3.65 27.86 -41.32
CA ASP A 125 3.90 27.90 -42.77
C ASP A 125 2.79 27.17 -43.54
N SER A 126 1.88 27.97 -44.15
CA SER A 126 0.70 27.51 -44.91
C SER A 126 1.01 26.70 -46.16
N SER A 127 2.26 26.77 -46.66
CA SER A 127 2.66 26.05 -47.86
C SER A 127 2.96 24.57 -47.56
N LYS A 128 3.21 24.24 -46.28
CA LYS A 128 3.49 22.86 -45.84
C LYS A 128 2.21 22.20 -45.37
N ASP A 129 2.05 20.89 -45.59
CA ASP A 129 0.85 20.20 -45.12
C ASP A 129 0.91 20.15 -43.56
N PRO A 130 -0.12 20.66 -42.83
CA PRO A 130 -0.07 20.61 -41.36
C PRO A 130 0.09 19.20 -40.78
N ILE A 131 -0.30 18.16 -41.53
CA ILE A 131 -0.11 16.76 -41.10
C ILE A 131 1.40 16.45 -41.07
N ASP A 132 2.14 16.91 -42.11
CA ASP A 132 3.59 16.73 -42.23
C ASP A 132 4.33 17.48 -41.12
N VAL A 133 3.89 18.73 -40.84
CA VAL A 133 4.44 19.60 -39.80
C VAL A 133 4.29 18.89 -38.43
N ASN A 134 3.09 18.43 -38.12
CA ASN A 134 2.83 17.76 -36.85
C ASN A 134 3.56 16.42 -36.73
N TYR A 135 3.67 15.67 -37.85
CA TYR A 135 4.40 14.40 -37.86
C TYR A 135 5.83 14.62 -37.39
N GLU A 136 6.50 15.64 -37.94
CA GLU A 136 7.89 15.98 -37.59
C GLU A 136 8.10 16.32 -36.11
N LYS A 137 7.06 16.90 -35.47
CA LYS A 137 7.13 17.27 -34.05
C LYS A 137 7.27 16.06 -33.14
N LEU A 138 6.84 14.87 -33.61
CA LEU A 138 6.88 13.65 -32.81
C LEU A 138 8.28 13.04 -32.67
N LYS A 139 9.23 13.41 -33.56
CA LYS A 139 10.62 12.90 -33.59
C LYS A 139 10.60 11.35 -33.52
N THR A 140 9.67 10.75 -34.30
CA THR A 140 9.41 9.31 -34.34
C THR A 140 9.22 8.89 -35.81
N ASP A 141 9.93 7.84 -36.21
CA ASP A 141 9.74 7.26 -37.53
C ASP A 141 8.53 6.32 -37.38
N ILE A 142 7.47 6.53 -38.18
CA ILE A 142 6.25 5.71 -38.13
C ILE A 142 6.06 5.05 -39.49
N LYS A 143 6.04 3.72 -39.54
CA LYS A 143 5.86 2.96 -40.79
C LYS A 143 4.69 2.01 -40.63
N VAL A 144 3.95 1.77 -41.71
CA VAL A 144 2.81 0.87 -41.71
C VAL A 144 3.34 -0.56 -41.89
N VAL A 145 2.97 -1.46 -40.98
CA VAL A 145 3.36 -2.87 -41.09
C VAL A 145 2.41 -3.51 -42.11
N ASP A 146 2.97 -4.23 -43.11
CA ASP A 146 2.22 -4.94 -44.15
C ASP A 146 1.35 -6.00 -43.49
N ARG A 147 0.04 -5.96 -43.75
CA ARG A 147 -0.98 -6.88 -43.20
C ARG A 147 -0.60 -8.37 -43.36
N ASP A 148 0.06 -8.72 -44.48
CA ASP A 148 0.42 -10.10 -44.83
C ASP A 148 1.78 -10.58 -44.30
N SER A 149 2.54 -9.71 -43.60
CA SER A 149 3.85 -10.05 -43.04
C SER A 149 3.74 -10.99 -41.82
N GLU A 150 4.85 -11.67 -41.47
CA GLU A 150 4.91 -12.55 -40.30
C GLU A 150 4.78 -11.74 -39.01
N GLU A 151 5.35 -10.51 -38.97
CA GLU A 151 5.27 -9.66 -37.79
C GLU A 151 3.83 -9.24 -37.51
N ALA A 152 3.02 -8.95 -38.55
CA ALA A 152 1.61 -8.63 -38.42
C ALA A 152 0.81 -9.85 -37.94
N GLU A 153 1.20 -11.06 -38.39
CA GLU A 153 0.54 -12.32 -38.01
C GLU A 153 0.75 -12.60 -36.53
N ILE A 154 1.99 -12.40 -36.04
CA ILE A 154 2.35 -12.58 -34.61
C ILE A 154 1.57 -11.59 -33.73
N ILE A 155 1.50 -10.31 -34.16
CA ILE A 155 0.80 -9.24 -33.46
C ILE A 155 -0.72 -9.52 -33.40
N ARG A 156 -1.32 -9.95 -34.52
CA ARG A 156 -2.75 -10.28 -34.57
C ARG A 156 -3.06 -11.48 -33.67
N LYS A 157 -2.15 -12.48 -33.60
CA LYS A 157 -2.33 -13.65 -32.73
C LYS A 157 -2.27 -13.24 -31.23
N TYR A 158 -1.38 -12.31 -30.90
CA TYR A 158 -1.23 -11.78 -29.55
C TYR A 158 -2.53 -11.08 -29.12
N VAL A 159 -3.15 -10.29 -30.03
CA VAL A 159 -4.44 -9.62 -29.79
C VAL A 159 -5.56 -10.66 -29.62
N LYS A 160 -5.64 -11.60 -30.57
CA LYS A 160 -6.65 -12.63 -30.61
C LYS A 160 -6.61 -13.51 -29.38
N ASN A 161 -5.43 -13.91 -28.90
CA ASN A 161 -5.33 -14.84 -27.78
C ASN A 161 -5.39 -14.27 -26.39
N THR A 162 -5.18 -12.95 -26.20
CA THR A 162 -5.06 -12.42 -24.84
C THR A 162 -6.17 -11.47 -24.45
N HIS A 163 -7.37 -11.69 -24.99
CA HIS A 163 -8.53 -10.90 -24.60
C HIS A 163 -9.22 -11.67 -23.50
N ALA A 164 -9.13 -11.17 -22.28
CA ALA A 164 -9.68 -11.84 -21.10
C ALA A 164 -11.18 -12.01 -21.14
N THR A 165 -11.66 -13.14 -20.60
CA THR A 165 -13.09 -13.47 -20.56
C THR A 165 -13.87 -12.46 -19.73
N THR A 166 -13.28 -11.95 -18.62
CA THR A 166 -13.89 -10.95 -17.74
C THR A 166 -14.00 -9.55 -18.40
N HIS A 167 -13.34 -9.35 -19.55
CA HIS A 167 -13.43 -8.08 -20.30
C HIS A 167 -14.28 -8.33 -21.57
N ASN A 168 -15.37 -9.12 -21.39
CA ASN A 168 -16.35 -9.58 -22.40
C ASN A 168 -17.29 -8.49 -22.97
N ALA A 169 -17.32 -7.27 -22.37
CA ALA A 169 -18.19 -6.17 -22.79
C ALA A 169 -17.92 -5.70 -24.22
N TYR A 170 -16.69 -5.89 -24.73
CA TYR A 170 -16.31 -5.51 -26.09
C TYR A 170 -15.39 -6.52 -26.73
N ASP A 171 -15.31 -6.50 -28.06
CA ASP A 171 -14.28 -7.25 -28.76
C ASP A 171 -13.38 -6.27 -29.54
N LEU A 172 -12.19 -6.72 -29.98
CA LEU A 172 -11.22 -5.85 -30.64
C LEU A 172 -10.95 -6.22 -32.07
N GLU A 173 -10.89 -5.21 -32.95
CA GLU A 173 -10.50 -5.39 -34.35
C GLU A 173 -9.26 -4.52 -34.60
N VAL A 174 -8.17 -5.12 -35.09
CA VAL A 174 -6.93 -4.37 -35.36
C VAL A 174 -7.17 -3.64 -36.68
N ILE A 175 -7.14 -2.30 -36.68
CA ILE A 175 -7.32 -1.52 -37.93
C ILE A 175 -5.97 -1.36 -38.64
N ASP A 176 -4.96 -0.85 -37.92
CA ASP A 176 -3.62 -0.60 -38.47
C ASP A 176 -2.55 -0.99 -37.47
N ILE A 177 -1.42 -1.47 -37.97
CA ILE A 177 -0.25 -1.80 -37.15
C ILE A 177 0.86 -0.86 -37.65
N PHE A 178 1.44 -0.08 -36.74
CA PHE A 178 2.54 0.82 -37.08
C PHE A 178 3.80 0.33 -36.41
N LYS A 179 4.93 0.45 -37.10
CA LYS A 179 6.25 0.15 -36.55
C LYS A 179 6.79 1.52 -36.18
N ILE A 180 7.14 1.72 -34.90
CA ILE A 180 7.60 3.01 -34.41
C ILE A 180 9.03 2.98 -33.88
N GLU A 181 9.77 4.04 -34.18
CA GLU A 181 11.14 4.18 -33.73
C GLU A 181 11.34 5.63 -33.25
N ARG A 182 11.28 5.83 -31.93
CA ARG A 182 11.46 7.15 -31.32
C ARG A 182 12.94 7.51 -31.42
N GLU A 183 13.23 8.76 -31.85
CA GLU A 183 14.60 9.26 -31.94
C GLU A 183 15.33 9.11 -30.61
N GLY A 184 16.52 8.51 -30.67
CA GLY A 184 17.41 8.27 -29.52
C GLY A 184 17.00 7.21 -28.51
N GLU A 185 15.83 6.54 -28.72
CA GLU A 185 15.36 5.54 -27.75
C GLU A 185 16.19 4.26 -27.77
N CYS A 186 16.64 3.82 -28.94
CA CYS A 186 17.48 2.62 -29.08
C CYS A 186 18.83 2.81 -28.34
N GLN A 187 19.41 4.02 -28.44
CA GLN A 187 20.67 4.39 -27.76
C GLN A 187 20.46 4.39 -26.25
N ARG A 188 19.31 4.89 -25.80
CA ARG A 188 18.96 4.97 -24.37
C ARG A 188 18.76 3.54 -23.81
N TYR A 189 18.21 2.64 -24.64
CA TYR A 189 17.94 1.26 -24.27
C TYR A 189 19.19 0.36 -24.20
N LYS A 190 20.32 0.80 -24.82
CA LYS A 190 21.59 0.07 -24.91
C LYS A 190 22.05 -0.64 -23.62
N PRO A 191 22.08 -0.05 -22.40
CA PRO A 191 22.51 -0.85 -21.21
C PRO A 191 21.62 -2.07 -20.87
N PHE A 192 20.40 -2.10 -21.42
CA PHE A 192 19.43 -3.14 -21.15
C PHE A 192 19.14 -4.06 -22.35
N LYS A 193 19.75 -3.78 -23.52
CA LYS A 193 19.49 -4.53 -24.77
C LYS A 193 19.81 -6.03 -24.70
N GLN A 194 20.75 -6.45 -23.82
CA GLN A 194 21.09 -7.86 -23.70
C GLN A 194 20.66 -8.45 -22.36
N LEU A 195 19.90 -7.66 -21.55
CA LEU A 195 19.45 -8.14 -20.24
C LEU A 195 18.51 -9.35 -20.43
N HIS A 196 18.48 -10.28 -19.48
CA HIS A 196 17.61 -11.45 -19.60
C HIS A 196 16.18 -11.01 -19.37
N ASN A 197 15.23 -11.87 -19.78
CA ASN A 197 13.80 -11.65 -19.59
C ASN A 197 13.31 -10.36 -20.26
N ARG A 198 13.57 -10.22 -21.57
CA ARG A 198 13.08 -9.07 -22.33
C ARG A 198 11.75 -9.57 -22.90
N ARG A 199 10.67 -8.81 -22.69
CA ARG A 199 9.35 -9.27 -23.12
C ARG A 199 8.61 -8.20 -23.90
N LEU A 200 7.81 -8.63 -24.88
CA LEU A 200 7.01 -7.70 -25.67
C LEU A 200 5.68 -7.57 -24.96
N LEU A 201 5.42 -6.39 -24.40
CA LEU A 201 4.22 -6.15 -23.57
C LEU A 201 3.39 -4.97 -24.04
N TRP A 202 2.14 -4.95 -23.63
CA TRP A 202 1.13 -3.95 -23.99
C TRP A 202 1.12 -2.79 -23.05
N HIS A 203 0.76 -1.60 -23.57
CA HIS A 203 0.49 -0.41 -22.79
C HIS A 203 -0.59 0.38 -23.52
N GLY A 204 -1.76 0.44 -22.93
CA GLY A 204 -2.86 1.24 -23.47
C GLY A 204 -2.93 2.62 -22.82
N SER A 205 -3.48 3.59 -23.55
CA SER A 205 -3.62 4.93 -23.02
C SER A 205 -4.67 5.62 -23.87
N ARG A 206 -5.14 6.79 -23.43
CA ARG A 206 -6.13 7.55 -24.21
C ARG A 206 -5.43 8.15 -25.41
N THR A 207 -6.18 8.36 -26.50
CA THR A 207 -5.63 8.91 -27.73
C THR A 207 -4.97 10.26 -27.44
N THR A 208 -5.51 11.04 -26.48
CA THR A 208 -5.00 12.36 -26.07
C THR A 208 -3.65 12.31 -25.33
N ASN A 209 -3.10 11.10 -25.07
CA ASN A 209 -1.79 10.94 -24.43
C ASN A 209 -0.67 10.61 -25.44
N PHE A 210 -1.02 10.17 -26.65
CA PHE A 210 -0.05 9.65 -27.63
C PHE A 210 0.88 10.65 -28.25
N ALA A 211 0.48 11.93 -28.41
CA ALA A 211 1.47 12.91 -28.90
C ALA A 211 2.59 13.07 -27.85
N GLY A 212 2.21 13.05 -26.56
CA GLY A 212 3.15 13.07 -25.45
C GLY A 212 4.00 11.81 -25.36
N ILE A 213 3.38 10.62 -25.51
CA ILE A 213 4.08 9.33 -25.48
C ILE A 213 5.07 9.22 -26.66
N LEU A 214 4.66 9.59 -27.87
CA LEU A 214 5.57 9.48 -29.01
C LEU A 214 6.71 10.51 -28.94
N SER A 215 6.44 11.73 -28.50
CA SER A 215 7.55 12.71 -28.43
C SER A 215 8.50 12.49 -27.25
N GLN A 216 7.96 12.17 -26.06
CA GLN A 216 8.74 12.04 -24.82
C GLN A 216 8.97 10.61 -24.34
N GLY A 217 8.23 9.67 -24.91
CA GLY A 217 8.31 8.26 -24.51
C GLY A 217 7.46 8.00 -23.29
N LEU A 218 7.43 6.75 -22.82
CA LEU A 218 6.68 6.46 -21.61
C LEU A 218 7.49 7.00 -20.43
N ARG A 219 6.83 7.70 -19.51
CA ARG A 219 7.50 8.37 -18.40
C ARG A 219 6.89 7.97 -17.06
N ILE A 220 7.65 8.18 -16.00
CA ILE A 220 7.22 7.89 -14.64
C ILE A 220 6.64 9.17 -14.04
N ALA A 221 5.67 9.06 -13.12
CA ALA A 221 5.06 10.19 -12.41
C ALA A 221 6.19 11.00 -11.70
N PRO A 222 6.12 12.34 -11.64
CA PRO A 222 7.24 13.13 -11.07
C PRO A 222 7.47 12.94 -9.56
N PRO A 223 8.60 13.47 -8.98
CA PRO A 223 8.81 13.34 -7.52
C PRO A 223 7.67 13.87 -6.66
N GLU A 224 6.96 14.94 -7.10
CA GLU A 224 5.83 15.55 -6.37
C GLU A 224 4.59 14.67 -6.27
N ALA A 225 4.45 13.71 -7.19
CA ALA A 225 3.32 12.81 -7.27
C ALA A 225 3.24 11.89 -6.04
N PRO A 226 2.03 11.67 -5.46
CA PRO A 226 1.94 10.78 -4.28
C PRO A 226 2.16 9.30 -4.66
N VAL A 227 3.24 8.68 -4.12
CA VAL A 227 3.58 7.26 -4.39
C VAL A 227 2.40 6.31 -4.04
N THR A 228 1.58 6.68 -3.03
CA THR A 228 0.43 5.84 -2.62
C THR A 228 -0.71 5.90 -3.63
N GLY A 229 -0.59 6.82 -4.59
CA GLY A 229 -1.57 6.97 -5.66
C GLY A 229 -1.42 5.93 -6.74
N TYR A 230 -0.39 5.04 -6.63
CA TYR A 230 -0.07 4.00 -7.63
C TYR A 230 0.14 2.66 -6.93
N MET A 231 -0.53 1.61 -7.41
CA MET A 231 -0.51 0.28 -6.78
C MET A 231 0.90 -0.26 -6.45
N PHE A 232 1.81 -0.13 -7.42
CA PHE A 232 3.20 -0.59 -7.25
C PHE A 232 4.17 0.58 -7.32
N GLY A 233 3.71 1.77 -6.96
CA GLY A 233 4.57 2.95 -6.97
C GLY A 233 4.72 3.58 -8.33
N LYS A 234 5.62 4.57 -8.42
CA LYS A 234 5.80 5.38 -9.61
C LYS A 234 6.73 4.73 -10.64
N GLY A 235 6.15 3.90 -11.48
CA GLY A 235 6.89 3.23 -12.54
C GLY A 235 6.09 3.29 -13.83
N ILE A 236 6.50 2.49 -14.81
CA ILE A 236 5.80 2.41 -16.10
C ILE A 236 5.17 1.03 -16.09
N TYR A 237 3.85 0.96 -16.26
CA TYR A 237 3.03 -0.24 -16.16
C TYR A 237 2.68 -0.88 -17.50
N PHE A 238 2.79 -2.21 -17.58
CA PHE A 238 2.49 -3.00 -18.77
C PHE A 238 1.69 -4.24 -18.40
N ALA A 239 1.03 -4.83 -19.40
CA ALA A 239 0.27 -6.07 -19.22
C ALA A 239 0.66 -7.06 -20.32
N ASP A 240 0.42 -8.37 -20.08
CA ASP A 240 0.63 -9.40 -21.09
C ASP A 240 -0.72 -9.80 -21.72
N MET A 241 -1.84 -9.21 -21.23
CA MET A 241 -3.21 -9.46 -21.72
C MET A 241 -3.67 -8.19 -22.41
N VAL A 242 -3.96 -8.27 -23.73
CA VAL A 242 -4.35 -7.09 -24.52
C VAL A 242 -5.53 -6.31 -23.92
N SER A 243 -6.57 -7.02 -23.46
CA SER A 243 -7.76 -6.37 -22.93
C SER A 243 -7.48 -5.64 -21.62
N LYS A 244 -6.51 -6.10 -20.80
CA LYS A 244 -6.14 -5.39 -19.57
C LYS A 244 -5.60 -3.99 -19.95
N SER A 245 -4.77 -3.94 -20.99
CA SER A 245 -4.23 -2.68 -21.47
C SER A 245 -5.28 -1.87 -22.25
N ALA A 246 -6.14 -2.54 -23.04
CA ALA A 246 -7.17 -1.85 -23.85
C ALA A 246 -8.19 -1.13 -22.95
N ASN A 247 -8.41 -1.59 -21.70
CA ASN A 247 -9.30 -0.89 -20.77
C ASN A 247 -8.82 0.55 -20.49
N TYR A 248 -7.49 0.76 -20.56
CA TYR A 248 -6.87 2.06 -20.35
C TYR A 248 -7.03 3.02 -21.54
N CYS A 249 -7.58 2.53 -22.68
CA CYS A 249 -7.85 3.39 -23.84
C CYS A 249 -9.05 4.32 -23.54
N HIS A 250 -9.98 3.88 -22.67
CA HIS A 250 -11.18 4.63 -22.30
C HIS A 250 -12.04 5.02 -23.51
N THR A 251 -12.24 4.07 -24.42
CA THR A 251 -13.07 4.26 -25.61
C THR A 251 -14.52 4.05 -25.17
N SER A 252 -15.47 4.40 -26.02
CA SER A 252 -16.89 4.27 -25.71
C SER A 252 -17.64 4.13 -26.98
N GLN A 253 -18.96 3.96 -26.90
CA GLN A 253 -19.84 3.87 -28.06
C GLN A 253 -19.71 5.15 -28.91
N GLY A 254 -19.53 6.31 -28.27
CA GLY A 254 -19.38 7.58 -28.96
C GLY A 254 -17.97 7.88 -29.46
N ASP A 255 -16.97 7.03 -29.14
CA ASP A 255 -15.55 7.23 -29.53
C ASP A 255 -14.89 5.83 -29.44
N PRO A 256 -15.15 4.91 -30.41
CA PRO A 256 -14.72 3.51 -30.23
C PRO A 256 -13.36 3.15 -30.81
N ILE A 257 -12.60 4.16 -31.28
CA ILE A 257 -11.29 3.91 -31.87
C ILE A 257 -10.25 4.22 -30.80
N GLY A 258 -9.38 3.26 -30.52
CA GLY A 258 -8.33 3.42 -29.52
C GLY A 258 -6.95 3.07 -30.02
N LEU A 259 -5.92 3.46 -29.23
CA LEU A 259 -4.51 3.21 -29.56
C LEU A 259 -3.84 2.46 -28.42
N ILE A 260 -3.03 1.47 -28.76
CA ILE A 260 -2.30 0.66 -27.78
C ILE A 260 -0.88 0.41 -28.26
N LEU A 261 0.09 0.39 -27.36
CA LEU A 261 1.48 0.18 -27.70
C LEU A 261 1.92 -1.24 -27.41
N LEU A 262 2.96 -1.67 -28.11
CA LEU A 262 3.71 -2.88 -27.85
C LEU A 262 5.11 -2.39 -27.63
N GLY A 263 5.66 -2.68 -26.45
CA GLY A 263 7.01 -2.26 -26.14
C GLY A 263 7.84 -3.45 -25.70
N GLU A 264 9.13 -3.39 -26.00
CA GLU A 264 10.08 -4.39 -25.53
C GLU A 264 10.50 -3.89 -24.18
N VAL A 265 10.31 -4.71 -23.13
CA VAL A 265 10.60 -4.31 -21.76
C VAL A 265 11.67 -5.23 -21.18
N ALA A 266 12.77 -4.66 -20.72
CA ALA A 266 13.87 -5.43 -20.11
C ALA A 266 13.54 -5.57 -18.65
N LEU A 267 12.93 -6.72 -18.32
CA LEU A 267 12.43 -7.03 -17.00
C LEU A 267 13.49 -7.58 -16.04
N GLY A 268 14.49 -8.33 -16.55
CA GLY A 268 15.55 -8.91 -15.74
C GLY A 268 15.01 -9.75 -14.61
N ASN A 269 15.58 -9.57 -13.43
CA ASN A 269 15.16 -10.29 -12.22
C ASN A 269 13.93 -9.57 -11.66
N MET A 270 12.76 -10.21 -11.78
CA MET A 270 11.49 -9.62 -11.36
C MET A 270 11.22 -9.81 -9.87
N TYR A 271 10.71 -8.75 -9.22
CA TYR A 271 10.32 -8.80 -7.81
C TYR A 271 8.83 -9.08 -7.85
N GLU A 272 8.45 -10.30 -7.48
CA GLU A 272 7.09 -10.79 -7.59
C GLU A 272 6.23 -10.41 -6.42
N LEU A 273 5.11 -9.71 -6.68
CA LEU A 273 4.19 -9.21 -5.66
C LEU A 273 2.77 -9.60 -5.93
N LYS A 274 1.98 -9.78 -4.88
CA LYS A 274 0.58 -10.19 -4.95
C LYS A 274 -0.37 -9.08 -4.50
N HIS A 275 0.13 -8.11 -3.74
CA HIS A 275 -0.66 -7.00 -3.19
C HIS A 275 0.10 -5.70 -3.32
N ALA A 276 -0.61 -4.56 -3.16
CA ALA A 276 -0.03 -3.22 -3.30
C ALA A 276 1.21 -3.03 -2.46
N SER A 277 2.21 -2.40 -3.06
CA SER A 277 3.46 -2.05 -2.43
C SER A 277 3.89 -0.75 -3.08
N HIS A 278 3.69 0.36 -2.36
CA HIS A 278 3.97 1.71 -2.86
C HIS A 278 5.45 1.99 -2.71
N ILE A 279 6.28 1.28 -3.49
CA ILE A 279 7.73 1.34 -3.35
C ILE A 279 8.33 2.57 -4.01
N SER A 280 9.46 3.03 -3.44
CA SER A 280 10.23 4.17 -3.91
C SER A 280 11.46 3.70 -4.70
N LYS A 281 11.94 2.48 -4.42
CA LYS A 281 13.03 1.82 -5.13
C LYS A 281 12.89 0.30 -5.03
N LEU A 282 13.53 -0.45 -5.94
CA LEU A 282 13.50 -1.90 -5.94
C LEU A 282 14.50 -2.53 -4.97
N PRO A 283 14.20 -3.74 -4.42
CA PRO A 283 15.20 -4.44 -3.59
C PRO A 283 16.45 -4.72 -4.42
N LYS A 284 17.64 -4.74 -3.79
CA LYS A 284 18.90 -4.98 -4.48
C LYS A 284 18.86 -6.21 -5.39
N GLY A 285 19.34 -6.05 -6.62
CA GLY A 285 19.38 -7.12 -7.59
C GLY A 285 18.12 -7.30 -8.41
N LYS A 286 17.06 -6.51 -8.13
CA LYS A 286 15.80 -6.62 -8.88
C LYS A 286 15.72 -5.52 -9.93
N HIS A 287 15.16 -5.83 -11.12
CA HIS A 287 15.08 -4.86 -12.21
C HIS A 287 13.67 -4.39 -12.52
N SER A 288 12.66 -5.09 -12.01
CA SER A 288 11.28 -4.77 -12.27
C SER A 288 10.42 -5.43 -11.22
N VAL A 289 9.11 -5.12 -11.24
CA VAL A 289 8.09 -5.73 -10.41
C VAL A 289 7.15 -6.52 -11.32
N LYS A 290 6.82 -7.74 -10.93
CA LYS A 290 5.78 -8.48 -11.62
C LYS A 290 4.64 -8.62 -10.59
N GLY A 291 3.48 -8.00 -10.89
CA GLY A 291 2.28 -8.15 -10.08
C GLY A 291 1.66 -9.45 -10.55
N LEU A 292 1.58 -10.46 -9.67
CA LEU A 292 1.11 -11.79 -10.01
C LEU A 292 -0.40 -11.92 -10.17
N GLY A 293 -0.85 -12.24 -11.36
CA GLY A 293 -2.27 -12.43 -11.59
C GLY A 293 -2.73 -13.86 -11.40
N LYS A 294 -4.04 -14.05 -11.18
CA LYS A 294 -4.70 -15.35 -11.09
C LYS A 294 -4.59 -16.11 -12.40
N THR A 295 -4.57 -15.37 -13.52
CA THR A 295 -4.47 -15.88 -14.89
C THR A 295 -3.24 -15.37 -15.60
N THR A 296 -2.61 -16.25 -16.38
CA THR A 296 -1.42 -15.93 -17.16
C THR A 296 -1.52 -16.55 -18.58
N PRO A 297 -0.93 -15.93 -19.63
CA PRO A 297 -0.93 -16.60 -20.95
C PRO A 297 -0.16 -17.92 -20.85
N ASP A 298 -0.61 -18.97 -21.56
CA ASP A 298 0.02 -20.29 -21.48
C ASP A 298 1.52 -20.22 -21.85
N PRO A 299 2.44 -20.50 -20.88
CA PRO A 299 3.89 -20.40 -21.16
C PRO A 299 4.44 -21.35 -22.22
N SER A 300 3.76 -22.46 -22.49
CA SER A 300 4.20 -23.40 -23.51
C SER A 300 4.03 -22.80 -24.91
N ALA A 301 3.16 -21.76 -25.03
CA ALA A 301 2.85 -21.05 -26.27
C ALA A 301 3.70 -19.77 -26.47
N ASN A 302 4.72 -19.57 -25.62
CA ASN A 302 5.63 -18.43 -25.74
C ASN A 302 6.43 -18.51 -27.03
N ILE A 303 6.57 -17.37 -27.73
CA ILE A 303 7.31 -17.31 -28.99
C ILE A 303 8.38 -16.19 -28.98
N SER A 304 9.27 -16.18 -29.99
CA SER A 304 10.29 -15.14 -30.14
C SER A 304 10.08 -14.32 -31.42
N LEU A 305 10.08 -12.99 -31.27
CA LEU A 305 9.98 -12.00 -32.33
C LEU A 305 11.16 -11.05 -32.12
N ASP A 306 12.23 -11.22 -32.94
CA ASP A 306 13.48 -10.45 -32.90
C ASP A 306 14.24 -10.65 -31.56
N GLY A 307 14.33 -11.91 -31.12
CA GLY A 307 15.03 -12.32 -29.89
C GLY A 307 14.35 -11.97 -28.57
N VAL A 308 13.14 -11.41 -28.63
CA VAL A 308 12.34 -11.00 -27.46
C VAL A 308 11.14 -11.97 -27.27
N ASP A 309 10.81 -12.35 -26.02
CA ASP A 309 9.67 -13.25 -25.75
C ASP A 309 8.32 -12.56 -25.95
N VAL A 310 7.41 -13.21 -26.65
CA VAL A 310 6.05 -12.74 -26.90
C VAL A 310 5.08 -13.72 -26.19
N PRO A 311 4.50 -13.33 -25.04
CA PRO A 311 3.61 -14.27 -24.29
C PRO A 311 2.18 -14.29 -24.86
N LEU A 312 2.06 -14.76 -26.08
CA LEU A 312 0.79 -14.75 -26.81
C LEU A 312 -0.11 -16.00 -26.59
N GLY A 313 0.16 -16.78 -25.56
CA GLY A 313 -0.69 -17.94 -25.28
C GLY A 313 -2.06 -17.53 -24.73
N THR A 314 -3.07 -18.42 -24.86
CA THR A 314 -4.39 -18.09 -24.28
C THR A 314 -4.27 -18.23 -22.75
N GLY A 315 -5.14 -17.53 -22.02
CA GLY A 315 -5.10 -17.47 -20.56
C GLY A 315 -5.42 -18.76 -19.86
N ILE A 316 -4.53 -19.15 -18.91
CA ILE A 316 -4.67 -20.35 -18.08
C ILE A 316 -4.40 -19.96 -16.61
N SER A 317 -4.79 -20.82 -15.65
CA SER A 317 -4.53 -20.53 -14.24
C SER A 317 -3.02 -20.48 -14.01
N SER A 318 -2.57 -19.44 -13.28
CA SER A 318 -1.15 -19.28 -12.94
C SER A 318 -0.77 -20.20 -11.78
N GLY A 319 -1.77 -20.61 -11.01
CA GLY A 319 -1.58 -21.43 -9.82
C GLY A 319 -1.28 -20.57 -8.62
N VAL A 320 -1.40 -19.23 -8.77
CA VAL A 320 -1.15 -18.28 -7.70
C VAL A 320 -2.45 -18.04 -6.95
N ASN A 321 -2.43 -18.26 -5.64
CA ASN A 321 -3.56 -18.06 -4.75
C ASN A 321 -3.35 -16.81 -3.91
N ASP A 322 -4.46 -16.23 -3.39
CA ASP A 322 -4.47 -15.05 -2.53
C ASP A 322 -3.72 -13.85 -3.16
N THR A 323 -4.18 -13.45 -4.35
CA THR A 323 -3.62 -12.31 -5.04
C THR A 323 -4.69 -11.27 -5.25
N SER A 324 -4.33 -10.00 -5.26
CA SER A 324 -5.30 -8.94 -5.50
C SER A 324 -5.55 -8.71 -7.03
N LEU A 325 -4.75 -9.37 -7.90
CA LEU A 325 -4.80 -9.22 -9.36
C LEU A 325 -5.39 -10.40 -10.10
N LEU A 326 -6.26 -10.13 -11.07
CA LEU A 326 -6.82 -11.16 -11.94
C LEU A 326 -5.81 -11.51 -13.03
N TYR A 327 -5.04 -10.49 -13.50
CA TYR A 327 -4.04 -10.67 -14.56
C TYR A 327 -2.72 -10.07 -14.14
N ASN A 328 -1.64 -10.52 -14.79
CA ASN A 328 -0.29 -10.01 -14.51
C ASN A 328 -0.14 -8.56 -14.87
N GLU A 329 0.80 -7.89 -14.21
CA GLU A 329 1.24 -6.57 -14.59
C GLU A 329 2.73 -6.44 -14.33
N TYR A 330 3.40 -5.67 -15.15
CA TYR A 330 4.84 -5.51 -15.11
C TYR A 330 5.16 -4.07 -14.96
N ILE A 331 6.08 -3.76 -14.05
CA ILE A 331 6.45 -2.39 -13.77
C ILE A 331 7.95 -2.23 -13.80
N VAL A 332 8.44 -1.20 -14.49
CA VAL A 332 9.85 -0.82 -14.51
C VAL A 332 9.95 0.61 -13.95
N TYR A 333 11.07 0.93 -13.34
CA TYR A 333 11.26 2.20 -12.62
C TYR A 333 12.34 3.07 -13.18
N ASP A 334 12.82 2.69 -14.35
CA ASP A 334 13.81 3.42 -15.13
C ASP A 334 13.26 3.45 -16.54
N ILE A 335 13.06 4.68 -17.08
CA ILE A 335 12.50 4.87 -18.44
C ILE A 335 13.37 4.20 -19.54
N ALA A 336 14.67 3.96 -19.25
CA ALA A 336 15.61 3.36 -20.20
C ALA A 336 15.35 1.85 -20.43
N GLN A 337 14.50 1.23 -19.59
CA GLN A 337 14.20 -0.19 -19.69
C GLN A 337 13.10 -0.49 -20.71
N VAL A 338 12.59 0.55 -21.39
CA VAL A 338 11.54 0.44 -22.40
C VAL A 338 12.03 0.86 -23.78
N ASN A 339 11.74 0.03 -24.76
CA ASN A 339 11.99 0.33 -26.16
C ASN A 339 10.66 0.12 -26.91
N LEU A 340 9.94 1.22 -27.23
CA LEU A 340 8.65 1.15 -27.94
C LEU A 340 8.85 0.58 -29.36
N LYS A 341 8.01 -0.40 -29.73
CA LYS A 341 8.18 -1.10 -31.00
C LYS A 341 7.04 -0.95 -31.96
N TYR A 342 5.80 -1.09 -31.49
CA TYR A 342 4.62 -0.98 -32.35
C TYR A 342 3.55 -0.15 -31.69
N LEU A 343 2.66 0.35 -32.53
CA LEU A 343 1.49 1.10 -32.16
C LEU A 343 0.34 0.53 -32.97
N LEU A 344 -0.71 0.12 -32.28
CA LEU A 344 -1.87 -0.45 -32.91
C LEU A 344 -3.07 0.47 -32.79
N LYS A 345 -3.81 0.61 -33.90
CA LYS A 345 -5.06 1.37 -33.91
C LYS A 345 -6.15 0.30 -33.87
N LEU A 346 -7.00 0.31 -32.83
CA LEU A 346 -8.03 -0.72 -32.66
C LEU A 346 -9.44 -0.18 -32.70
N LYS A 347 -10.36 -0.97 -33.25
CA LYS A 347 -11.77 -0.64 -33.20
C LYS A 347 -12.40 -1.51 -32.12
N PHE A 348 -13.03 -0.87 -31.15
CA PHE A 348 -13.71 -1.57 -30.08
C PHE A 348 -15.15 -1.73 -30.53
N ASN A 349 -15.66 -2.96 -30.46
CA ASN A 349 -17.06 -3.23 -30.77
C ASN A 349 -17.75 -3.57 -29.43
N PHE A 350 -18.60 -2.68 -28.92
CA PHE A 350 -19.25 -2.90 -27.63
C PHE A 350 -20.50 -3.74 -27.77
N LYS A 351 -20.70 -4.70 -26.86
CA LYS A 351 -21.85 -5.62 -26.85
C LYS A 351 -23.01 -5.04 -26.04
N THR A 352 -22.68 -4.07 -25.17
CA THR A 352 -23.57 -3.34 -24.27
C THR A 352 -24.34 -2.22 -24.99
N LYS B 3 -2.37 -16.71 51.67
CA LYS B 3 -2.05 -15.42 51.08
C LYS B 3 -0.78 -15.49 50.24
N SER B 4 -0.77 -14.76 49.13
CA SER B 4 0.34 -14.73 48.19
C SER B 4 1.61 -14.12 48.78
N LYS B 5 2.77 -14.73 48.45
CA LYS B 5 4.10 -14.26 48.84
C LYS B 5 4.71 -13.42 47.72
N LEU B 6 3.99 -13.26 46.60
CA LEU B 6 4.47 -12.46 45.47
C LEU B 6 4.64 -11.00 45.88
N PRO B 7 5.64 -10.28 45.33
CA PRO B 7 5.77 -8.83 45.64
C PRO B 7 4.46 -8.09 45.33
N LYS B 8 4.10 -7.06 46.14
CA LYS B 8 2.87 -6.28 45.92
C LYS B 8 2.75 -5.70 44.47
N PRO B 9 3.83 -5.16 43.82
CA PRO B 9 3.67 -4.68 42.42
C PRO B 9 3.29 -5.78 41.44
N VAL B 10 3.81 -7.02 41.64
CA VAL B 10 3.48 -8.17 40.76
C VAL B 10 2.01 -8.54 40.98
N GLN B 11 1.56 -8.56 42.26
CA GLN B 11 0.15 -8.87 42.61
C GLN B 11 -0.79 -7.84 41.95
N ASP B 12 -0.43 -6.54 41.98
CA ASP B 12 -1.23 -5.48 41.35
C ASP B 12 -1.28 -5.63 39.83
N LEU B 13 -0.15 -6.08 39.22
CA LEU B 13 -0.09 -6.37 37.80
C LEU B 13 -1.04 -7.52 37.43
N ILE B 14 -1.02 -8.64 38.19
CA ILE B 14 -1.91 -9.81 37.98
C ILE B 14 -3.37 -9.36 38.06
N LYS B 15 -3.74 -8.59 39.10
CA LYS B 15 -5.10 -8.07 39.27
C LYS B 15 -5.57 -7.29 38.02
N MET B 16 -4.70 -6.36 37.55
CA MET B 16 -4.85 -5.46 36.41
C MET B 16 -5.06 -6.16 35.07
N ILE B 17 -4.33 -7.27 34.80
CA ILE B 17 -4.45 -7.93 33.51
C ILE B 17 -5.57 -8.99 33.45
N PHE B 18 -6.02 -9.50 34.61
CA PHE B 18 -7.11 -10.49 34.64
C PHE B 18 -8.45 -9.84 34.99
N ASP B 19 -8.54 -8.49 34.94
CA ASP B 19 -9.77 -7.76 35.26
C ASP B 19 -10.88 -7.98 34.18
N VAL B 20 -11.93 -8.76 34.55
CA VAL B 20 -13.07 -9.11 33.70
C VAL B 20 -13.89 -7.87 33.30
N GLU B 21 -14.05 -6.90 34.22
CA GLU B 21 -14.78 -5.66 33.92
C GLU B 21 -14.08 -4.83 32.85
N SER B 22 -12.75 -4.87 32.81
CA SER B 22 -11.94 -4.17 31.80
C SER B 22 -12.13 -4.82 30.41
N MET B 23 -12.28 -6.16 30.38
CA MET B 23 -12.49 -6.93 29.15
C MET B 23 -13.84 -6.51 28.53
N LYS B 24 -14.89 -6.42 29.37
CA LYS B 24 -16.25 -5.99 28.98
C LYS B 24 -16.25 -4.57 28.41
N LYS B 25 -15.55 -3.65 29.08
CA LYS B 25 -15.40 -2.24 28.70
C LYS B 25 -14.74 -2.13 27.31
N ALA B 26 -13.71 -2.95 27.04
CA ALA B 26 -13.01 -2.99 25.76
C ALA B 26 -13.99 -3.37 24.63
N MET B 27 -14.87 -4.35 24.91
CA MET B 27 -15.88 -4.81 23.95
C MET B 27 -16.95 -3.73 23.69
N VAL B 28 -17.34 -2.98 24.74
CA VAL B 28 -18.30 -1.87 24.67
C VAL B 28 -17.70 -0.76 23.79
N GLU B 29 -16.39 -0.47 23.97
CA GLU B 29 -15.63 0.50 23.17
C GLU B 29 -15.76 0.14 21.67
N TYR B 30 -15.84 -1.16 21.34
CA TYR B 30 -15.99 -1.63 19.95
C TYR B 30 -17.44 -1.61 19.46
N GLU B 31 -18.39 -1.21 20.33
CA GLU B 31 -19.83 -1.14 20.06
C GLU B 31 -20.41 -2.53 19.74
N ILE B 32 -19.82 -3.58 20.35
CA ILE B 32 -20.25 -4.96 20.22
C ILE B 32 -21.44 -5.14 21.16
N ASP B 33 -22.50 -5.81 20.67
CA ASP B 33 -23.71 -6.12 21.42
C ASP B 33 -23.41 -7.19 22.47
N LEU B 34 -23.23 -6.78 23.74
CA LEU B 34 -22.93 -7.68 24.86
C LEU B 34 -24.10 -8.65 25.18
N GLN B 35 -25.35 -8.27 24.88
CA GLN B 35 -26.52 -9.12 25.10
C GLN B 35 -26.52 -10.31 24.12
N LYS B 36 -26.16 -10.04 22.84
CA LYS B 36 -26.08 -11.06 21.79
C LYS B 36 -24.73 -11.80 21.82
N MET B 37 -23.61 -11.08 22.12
CA MET B 37 -22.28 -11.67 22.22
C MET B 37 -21.53 -11.30 23.52
N PRO B 38 -21.89 -11.93 24.66
CA PRO B 38 -21.14 -11.65 25.91
C PRO B 38 -19.74 -12.28 25.89
N LEU B 39 -18.88 -11.92 26.88
CA LEU B 39 -17.50 -12.43 27.04
C LEU B 39 -17.39 -13.93 26.92
N GLY B 40 -18.26 -14.65 27.63
CA GLY B 40 -18.30 -16.10 27.66
C GLY B 40 -18.60 -16.76 26.34
N LYS B 41 -19.28 -16.03 25.43
CA LYS B 41 -19.67 -16.53 24.12
C LYS B 41 -18.59 -16.35 23.03
N LEU B 42 -17.61 -15.44 23.25
CA LEU B 42 -16.49 -15.17 22.34
C LEU B 42 -15.69 -16.46 22.08
N SER B 43 -15.49 -16.80 20.81
CA SER B 43 -14.69 -17.98 20.48
C SER B 43 -13.64 -17.68 19.41
N LYS B 44 -12.47 -18.37 19.49
CA LYS B 44 -11.36 -18.26 18.53
C LYS B 44 -11.90 -18.55 17.14
N ARG B 45 -12.83 -19.53 17.05
CA ARG B 45 -13.43 -20.01 15.83
C ARG B 45 -14.40 -19.01 15.18
N GLN B 46 -15.14 -18.21 15.98
CA GLN B 46 -16.04 -17.16 15.46
C GLN B 46 -15.20 -16.00 14.92
N ILE B 47 -14.12 -15.61 15.63
CA ILE B 47 -13.20 -14.53 15.21
C ILE B 47 -12.52 -14.93 13.90
N GLN B 48 -12.14 -16.22 13.77
CA GLN B 48 -11.51 -16.81 12.57
C GLN B 48 -12.44 -16.69 11.37
N ALA B 49 -13.77 -16.94 11.55
CA ALA B 49 -14.74 -16.83 10.44
C ALA B 49 -14.87 -15.36 10.03
N ALA B 50 -14.88 -14.44 11.02
CA ALA B 50 -14.97 -13.00 10.81
C ALA B 50 -13.75 -12.48 9.98
N TYR B 51 -12.53 -13.03 10.28
CA TYR B 51 -11.28 -12.75 9.53
C TYR B 51 -11.48 -13.18 8.07
N SER B 52 -12.00 -14.40 7.85
CA SER B 52 -12.26 -14.94 6.52
C SER B 52 -13.24 -14.05 5.74
N ILE B 53 -14.27 -13.46 6.41
CA ILE B 53 -15.22 -12.54 5.75
C ILE B 53 -14.45 -11.27 5.31
N LEU B 54 -13.54 -10.75 6.17
CA LEU B 54 -12.69 -9.60 5.86
C LEU B 54 -11.78 -9.86 4.65
N SER B 55 -11.18 -11.06 4.56
CA SER B 55 -10.32 -11.42 3.42
C SER B 55 -11.19 -11.50 2.12
N GLU B 56 -12.46 -11.91 2.27
CA GLU B 56 -13.40 -11.98 1.15
C GLU B 56 -13.76 -10.56 0.70
N VAL B 57 -14.00 -9.61 1.65
CA VAL B 57 -14.26 -8.18 1.37
C VAL B 57 -13.05 -7.62 0.57
N GLN B 58 -11.82 -7.85 1.05
CA GLN B 58 -10.55 -7.47 0.40
C GLN B 58 -10.47 -7.98 -1.05
N GLN B 59 -10.71 -9.28 -1.24
CA GLN B 59 -10.69 -9.90 -2.57
C GLN B 59 -11.75 -9.30 -3.49
N ALA B 60 -12.98 -9.13 -2.99
CA ALA B 60 -14.11 -8.54 -3.74
C ALA B 60 -13.80 -7.14 -4.29
N VAL B 61 -13.10 -6.33 -3.50
CA VAL B 61 -12.72 -4.97 -3.87
C VAL B 61 -11.66 -4.99 -4.97
N SER B 62 -10.59 -5.78 -4.79
CA SER B 62 -9.48 -5.81 -5.74
C SER B 62 -9.78 -6.56 -7.04
N GLN B 63 -10.57 -7.64 -6.97
CA GLN B 63 -10.90 -8.48 -8.12
C GLN B 63 -12.15 -7.98 -8.88
N GLY B 64 -12.60 -6.78 -8.52
CA GLY B 64 -13.69 -6.09 -9.18
C GLY B 64 -15.06 -6.75 -9.11
N SER B 65 -15.41 -7.29 -7.92
CA SER B 65 -16.74 -7.87 -7.69
C SER B 65 -17.74 -6.69 -7.62
N SER B 66 -19.04 -6.96 -7.81
CA SER B 66 -20.07 -5.92 -7.76
C SER B 66 -20.11 -5.25 -6.38
N ASP B 67 -20.58 -3.98 -6.32
CA ASP B 67 -20.70 -3.26 -5.05
C ASP B 67 -21.74 -3.97 -4.17
N SER B 68 -22.75 -4.64 -4.81
CA SER B 68 -23.81 -5.42 -4.18
C SER B 68 -23.25 -6.58 -3.37
N GLN B 69 -22.31 -7.37 -3.96
CA GLN B 69 -21.67 -8.48 -3.19
C GLN B 69 -20.93 -7.94 -1.97
N ILE B 70 -20.15 -6.84 -2.15
CA ILE B 70 -19.38 -6.24 -1.04
C ILE B 70 -20.28 -5.82 0.14
N LEU B 71 -21.44 -5.25 -0.18
CA LEU B 71 -22.47 -4.84 0.75
C LEU B 71 -23.02 -6.05 1.54
N ASP B 72 -23.26 -7.19 0.84
CA ASP B 72 -23.72 -8.45 1.43
C ASP B 72 -22.65 -9.04 2.39
N LEU B 73 -21.34 -8.93 2.03
CA LEU B 73 -20.26 -9.43 2.89
C LEU B 73 -20.18 -8.60 4.17
N SER B 74 -20.38 -7.27 4.04
CA SER B 74 -20.39 -6.35 5.18
C SER B 74 -21.49 -6.77 6.18
N ASN B 75 -22.70 -7.11 5.69
CA ASN B 75 -23.81 -7.58 6.54
C ASN B 75 -23.52 -8.93 7.25
N ARG B 76 -22.79 -9.84 6.59
CA ARG B 76 -22.37 -11.14 7.13
C ARG B 76 -21.39 -10.96 8.28
N PHE B 77 -20.54 -9.93 8.19
CA PHE B 77 -19.60 -9.62 9.26
C PHE B 77 -20.39 -9.24 10.52
N TYR B 78 -21.38 -8.33 10.38
CA TYR B 78 -22.23 -7.88 11.48
C TYR B 78 -23.20 -8.96 11.99
N THR B 79 -23.32 -10.09 11.26
CA THR B 79 -24.11 -11.27 11.67
C THR B 79 -23.20 -12.14 12.58
N LEU B 80 -21.89 -12.19 12.29
CA LEU B 80 -20.90 -12.94 13.08
C LEU B 80 -20.52 -12.18 14.34
N ILE B 81 -20.22 -10.88 14.23
CA ILE B 81 -19.87 -10.06 15.41
C ILE B 81 -21.06 -9.13 15.69
N PRO B 82 -22.08 -9.53 16.50
CA PRO B 82 -23.21 -8.61 16.74
C PRO B 82 -22.77 -7.27 17.30
N HIS B 83 -23.25 -6.19 16.68
CA HIS B 83 -22.90 -4.83 17.06
C HIS B 83 -24.09 -4.05 17.61
N ASP B 84 -24.00 -3.59 18.86
CA ASP B 84 -25.07 -2.80 19.47
C ASP B 84 -24.78 -1.36 19.21
N PHE B 85 -25.38 -0.86 18.14
CA PHE B 85 -25.27 0.55 17.79
C PHE B 85 -26.49 1.27 18.34
N GLY B 86 -27.34 0.52 19.05
CA GLY B 86 -28.55 1.01 19.67
C GLY B 86 -29.52 1.52 18.64
N MET B 87 -29.38 2.81 18.31
CA MET B 87 -30.22 3.50 17.32
C MET B 87 -29.38 4.04 16.15
N LYS B 88 -28.04 3.87 16.23
CA LYS B 88 -27.07 4.29 15.22
C LYS B 88 -27.03 3.32 14.03
N LYS B 89 -26.02 3.48 13.18
CA LYS B 89 -25.75 2.64 12.01
C LYS B 89 -24.25 2.39 11.95
N PRO B 90 -23.80 1.11 11.90
CA PRO B 90 -22.34 0.83 11.85
C PRO B 90 -21.65 1.20 10.52
N PRO B 91 -20.30 1.36 10.49
CA PRO B 91 -19.64 1.68 9.20
C PRO B 91 -19.73 0.54 8.19
N LEU B 92 -19.92 0.88 6.91
CA LEU B 92 -20.01 -0.10 5.83
C LEU B 92 -18.62 -0.65 5.49
N LEU B 93 -18.53 -1.98 5.29
CA LEU B 93 -17.27 -2.65 4.96
C LEU B 93 -17.16 -2.73 3.45
N ASN B 94 -16.88 -1.59 2.83
CA ASN B 94 -16.78 -1.48 1.38
C ASN B 94 -15.45 -0.84 0.95
N ASN B 95 -14.52 -0.68 1.92
CA ASN B 95 -13.22 -0.04 1.67
C ASN B 95 -12.13 -0.52 2.62
N ALA B 96 -10.88 -0.18 2.27
CA ALA B 96 -9.65 -0.53 2.98
C ALA B 96 -9.61 -0.06 4.42
N ASP B 97 -10.09 1.18 4.71
CA ASP B 97 -10.09 1.72 6.08
C ASP B 97 -11.01 0.90 6.99
N SER B 98 -12.19 0.50 6.46
CA SER B 98 -13.16 -0.32 7.18
C SER B 98 -12.59 -1.70 7.48
N VAL B 99 -11.89 -2.34 6.49
CA VAL B 99 -11.24 -3.66 6.63
C VAL B 99 -10.15 -3.57 7.71
N GLN B 100 -9.33 -2.50 7.65
CA GLN B 100 -8.24 -2.25 8.60
C GLN B 100 -8.75 -2.10 10.03
N ALA B 101 -9.83 -1.33 10.24
CA ALA B 101 -10.40 -1.13 11.58
C ALA B 101 -10.95 -2.43 12.18
N LYS B 102 -11.59 -3.27 11.36
CA LYS B 102 -12.13 -4.54 11.81
C LYS B 102 -11.05 -5.59 12.06
N ALA B 103 -9.97 -5.64 11.26
CA ALA B 103 -8.88 -6.60 11.52
C ALA B 103 -8.16 -6.28 12.82
N GLU B 104 -7.99 -4.98 13.13
CA GLU B 104 -7.36 -4.51 14.37
C GLU B 104 -8.24 -4.93 15.55
N MET B 105 -9.59 -4.71 15.43
CA MET B 105 -10.56 -5.10 16.47
C MET B 105 -10.50 -6.62 16.75
N LEU B 106 -10.48 -7.45 15.69
CA LEU B 106 -10.40 -8.91 15.84
C LEU B 106 -9.11 -9.36 16.51
N ASP B 107 -7.95 -8.71 16.19
CA ASP B 107 -6.62 -8.97 16.76
C ASP B 107 -6.72 -8.78 18.29
N ASN B 108 -7.44 -7.74 18.76
CA ASN B 108 -7.70 -7.47 20.16
C ASN B 108 -8.67 -8.46 20.79
N LEU B 109 -9.73 -8.90 20.04
CA LEU B 109 -10.68 -9.91 20.52
C LEU B 109 -10.00 -11.26 20.76
N LEU B 110 -9.00 -11.63 19.92
CA LEU B 110 -8.27 -12.88 20.10
C LEU B 110 -7.54 -12.89 21.47
N ASP B 111 -6.88 -11.77 21.86
CA ASP B 111 -6.19 -11.68 23.14
C ASP B 111 -7.16 -11.71 24.32
N ILE B 112 -8.33 -11.02 24.20
CA ILE B 112 -9.38 -11.00 25.25
C ILE B 112 -9.94 -12.40 25.44
N GLU B 113 -10.18 -13.13 24.34
CA GLU B 113 -10.67 -14.50 24.43
C GLU B 113 -9.66 -15.35 25.24
N VAL B 114 -8.35 -15.26 24.91
CA VAL B 114 -7.27 -15.99 25.59
C VAL B 114 -7.30 -15.74 27.09
N ALA B 115 -7.40 -14.46 27.50
CA ALA B 115 -7.45 -14.01 28.90
C ALA B 115 -8.66 -14.60 29.61
N TYR B 116 -9.83 -14.55 28.95
CA TYR B 116 -11.07 -15.10 29.53
C TYR B 116 -11.01 -16.61 29.69
N SER B 117 -10.52 -17.33 28.66
CA SER B 117 -10.42 -18.80 28.71
C SER B 117 -9.46 -19.26 29.81
N LEU B 118 -8.38 -18.48 30.04
CA LEU B 118 -7.35 -18.72 31.07
C LEU B 118 -8.01 -18.65 32.45
N LEU B 119 -8.74 -17.55 32.71
CA LEU B 119 -9.49 -17.24 33.93
C LEU B 119 -10.54 -18.28 34.32
N ARG B 120 -11.22 -18.89 33.32
CA ARG B 120 -12.23 -19.92 33.53
C ARG B 120 -11.64 -21.33 33.69
N GLY B 121 -10.48 -21.56 33.07
CA GLY B 121 -9.77 -22.84 33.11
C GLY B 121 -8.49 -22.75 33.91
N ASP B 124 -6.92 -25.75 39.60
CA ASP B 124 -7.94 -25.09 40.40
C ASP B 124 -7.96 -25.67 41.82
N ASP B 125 -7.58 -24.86 42.81
CA ASP B 125 -7.55 -25.23 44.23
C ASP B 125 -7.92 -23.99 45.07
N SER B 126 -9.08 -24.04 45.71
CA SER B 126 -9.67 -22.97 46.54
C SER B 126 -8.85 -22.56 47.78
N SER B 127 -7.89 -23.41 48.21
CA SER B 127 -7.03 -23.12 49.36
C SER B 127 -5.88 -22.17 48.98
N LYS B 128 -5.57 -22.05 47.67
CA LYS B 128 -4.52 -21.17 47.14
C LYS B 128 -5.08 -19.79 46.83
N ASP B 129 -4.24 -18.74 46.99
CA ASP B 129 -4.60 -17.36 46.71
C ASP B 129 -4.91 -17.24 45.21
N PRO B 130 -6.10 -16.71 44.82
CA PRO B 130 -6.40 -16.56 43.37
C PRO B 130 -5.39 -15.74 42.57
N ILE B 131 -4.63 -14.84 43.23
CA ILE B 131 -3.57 -14.06 42.55
C ILE B 131 -2.43 -15.03 42.16
N ASP B 132 -2.10 -15.99 43.07
CA ASP B 132 -1.06 -17.00 42.83
C ASP B 132 -1.47 -17.95 41.71
N VAL B 133 -2.76 -18.36 41.70
CA VAL B 133 -3.36 -19.25 40.70
C VAL B 133 -3.25 -18.58 39.32
N ASN B 134 -3.69 -17.32 39.22
CA ASN B 134 -3.63 -16.60 37.96
C ASN B 134 -2.20 -16.32 37.50
N TYR B 135 -1.28 -16.02 38.44
CA TYR B 135 0.12 -15.80 38.09
C TYR B 135 0.68 -17.03 37.38
N GLU B 136 0.44 -18.24 37.91
CA GLU B 136 0.91 -19.50 37.34
C GLU B 136 0.38 -19.77 35.92
N LYS B 137 -0.84 -19.29 35.60
CA LYS B 137 -1.44 -19.45 34.28
C LYS B 137 -0.65 -18.73 33.19
N LEU B 138 0.14 -17.70 33.57
CA LEU B 138 0.92 -16.92 32.60
C LEU B 138 2.17 -17.63 32.10
N LYS B 139 2.67 -18.66 32.82
CA LYS B 139 3.88 -19.44 32.48
C LYS B 139 5.05 -18.48 32.20
N THR B 140 5.17 -17.43 33.06
CA THR B 140 6.13 -16.35 32.92
C THR B 140 6.70 -16.01 34.30
N ASP B 141 8.02 -15.92 34.37
CA ASP B 141 8.67 -15.49 35.59
C ASP B 141 8.64 -13.95 35.54
N ILE B 142 8.05 -13.30 36.57
CA ILE B 142 7.94 -11.84 36.64
C ILE B 142 8.66 -11.38 37.88
N LYS B 143 9.70 -10.54 37.73
CA LYS B 143 10.47 -9.99 38.85
C LYS B 143 10.45 -8.48 38.78
N VAL B 144 10.47 -7.82 39.94
CA VAL B 144 10.46 -6.36 40.03
C VAL B 144 11.91 -5.87 39.88
N VAL B 145 12.15 -4.97 38.93
CA VAL B 145 13.48 -4.39 38.77
C VAL B 145 13.65 -3.30 39.86
N ASP B 146 14.76 -3.35 40.64
CA ASP B 146 15.06 -2.38 41.69
C ASP B 146 15.16 -0.98 41.04
N ARG B 147 14.36 0.01 41.50
CA ARG B 147 14.33 1.38 40.96
C ARG B 147 15.70 2.07 40.93
N ASP B 148 16.61 1.69 41.85
CA ASP B 148 17.94 2.31 41.95
C ASP B 148 19.04 1.61 41.13
N SER B 149 18.70 0.51 40.42
CA SER B 149 19.65 -0.25 39.59
C SER B 149 20.01 0.49 38.31
N GLU B 150 21.14 0.09 37.67
CA GLU B 150 21.57 0.66 36.39
C GLU B 150 20.57 0.29 35.28
N GLU B 151 20.00 -0.93 35.31
CA GLU B 151 19.02 -1.34 34.28
C GLU B 151 17.76 -0.47 34.35
N ALA B 152 17.30 -0.09 35.55
CA ALA B 152 16.15 0.80 35.73
C ALA B 152 16.48 2.22 35.25
N GLU B 153 17.74 2.66 35.44
CA GLU B 153 18.23 3.98 34.99
C GLU B 153 18.23 4.07 33.47
N ILE B 154 18.71 3.00 32.80
CA ILE B 154 18.74 2.93 31.32
C ILE B 154 17.31 2.94 30.77
N ILE B 155 16.40 2.17 31.39
CA ILE B 155 14.99 2.07 30.98
C ILE B 155 14.27 3.42 31.15
N ARG B 156 14.50 4.12 32.29
CA ARG B 156 13.92 5.44 32.54
C ARG B 156 14.44 6.48 31.53
N LYS B 157 15.73 6.40 31.14
CA LYS B 157 16.32 7.30 30.15
C LYS B 157 15.70 7.06 28.76
N TYR B 158 15.46 5.78 28.43
CA TYR B 158 14.82 5.37 27.17
C TYR B 158 13.41 5.98 27.10
N VAL B 159 12.64 5.93 28.22
CA VAL B 159 11.29 6.51 28.28
C VAL B 159 11.39 8.04 28.16
N LYS B 160 12.24 8.66 28.97
CA LYS B 160 12.43 10.11 29.02
C LYS B 160 12.85 10.69 27.66
N ASN B 161 13.82 10.05 26.98
CA ASN B 161 14.34 10.58 25.72
C ASN B 161 13.55 10.32 24.48
N THR B 162 12.64 9.31 24.46
CA THR B 162 11.96 8.98 23.21
C THR B 162 10.46 9.28 23.24
N HIS B 163 10.06 10.24 24.10
CA HIS B 163 8.69 10.71 24.24
C HIS B 163 8.47 11.89 23.25
N ALA B 164 7.96 11.59 22.00
CA ALA B 164 7.77 12.51 20.87
C ALA B 164 6.95 13.78 21.16
N THR B 165 7.38 14.90 20.57
CA THR B 165 6.74 16.21 20.68
C THR B 165 5.31 16.19 20.10
N THR B 166 5.07 15.40 19.04
CA THR B 166 3.74 15.29 18.42
C THR B 166 2.74 14.57 19.35
N HIS B 167 3.25 13.77 20.31
CA HIS B 167 2.42 13.04 21.28
C HIS B 167 2.35 13.83 22.60
N ASN B 168 2.22 15.17 22.46
CA ASN B 168 2.20 16.21 23.50
C ASN B 168 0.96 16.25 24.41
N ALA B 169 -0.10 15.46 24.11
CA ALA B 169 -1.33 15.41 24.93
C ALA B 169 -1.08 14.88 26.37
N TYR B 170 -0.05 14.02 26.54
CA TYR B 170 0.29 13.38 27.82
C TYR B 170 1.77 13.49 28.25
N ASP B 171 2.03 13.09 29.50
CA ASP B 171 3.32 13.00 30.17
C ASP B 171 3.43 11.56 30.76
N LEU B 172 4.57 10.83 30.50
CA LEU B 172 4.74 9.47 31.03
C LEU B 172 5.56 9.39 32.31
N GLU B 173 5.02 8.66 33.30
CA GLU B 173 5.69 8.37 34.56
C GLU B 173 5.79 6.85 34.68
N VAL B 174 7.00 6.32 34.83
CA VAL B 174 7.21 4.89 34.99
C VAL B 174 6.83 4.54 36.44
N ILE B 175 5.81 3.70 36.66
CA ILE B 175 5.40 3.28 38.01
C ILE B 175 6.25 2.08 38.46
N ASP B 176 6.26 1.00 37.66
CA ASP B 176 6.99 -0.23 37.96
C ASP B 176 7.66 -0.77 36.71
N ILE B 177 8.83 -1.39 36.89
CA ILE B 177 9.57 -2.04 35.81
C ILE B 177 9.64 -3.52 36.22
N PHE B 178 9.16 -4.41 35.35
CA PHE B 178 9.22 -5.84 35.60
C PHE B 178 10.17 -6.47 34.62
N LYS B 179 10.94 -7.45 35.09
CA LYS B 179 11.83 -8.27 34.26
C LYS B 179 11.02 -9.54 34.01
N ILE B 180 10.77 -9.85 32.73
CA ILE B 180 9.91 -10.99 32.38
C ILE B 180 10.66 -12.05 31.57
N GLU B 181 10.33 -13.31 31.85
CA GLU B 181 10.92 -14.43 31.16
C GLU B 181 9.83 -15.46 30.90
N ARG B 182 9.31 -15.47 29.68
CA ARG B 182 8.26 -16.41 29.26
C ARG B 182 8.88 -17.81 29.12
N GLU B 183 8.20 -18.83 29.68
CA GLU B 183 8.65 -20.22 29.61
C GLU B 183 8.89 -20.63 28.15
N GLY B 184 10.08 -21.16 27.89
CA GLY B 184 10.51 -21.65 26.58
C GLY B 184 10.84 -20.62 25.51
N GLU B 185 10.68 -19.31 25.80
CA GLU B 185 10.93 -18.25 24.80
C GLU B 185 12.43 -18.09 24.47
N CYS B 186 13.30 -18.23 25.47
CA CYS B 186 14.76 -18.15 25.27
C CYS B 186 15.23 -19.27 24.31
N GLN B 187 14.71 -20.50 24.49
CA GLN B 187 15.01 -21.66 23.64
C GLN B 187 14.53 -21.42 22.23
N ARG B 188 13.34 -20.82 22.07
CA ARG B 188 12.73 -20.51 20.78
C ARG B 188 13.57 -19.44 20.05
N TYR B 189 14.12 -18.49 20.81
CA TYR B 189 14.93 -17.40 20.29
C TYR B 189 16.35 -17.80 19.85
N LYS B 190 16.85 -18.97 20.35
CA LYS B 190 18.20 -19.51 20.10
C LYS B 190 18.71 -19.37 18.63
N PRO B 191 18.00 -19.74 17.53
CA PRO B 191 18.57 -19.52 16.17
C PRO B 191 18.86 -18.06 15.79
N PHE B 192 18.28 -17.11 16.54
CA PHE B 192 18.42 -15.67 16.28
C PHE B 192 19.24 -14.93 17.35
N LYS B 193 19.67 -15.63 18.43
CA LYS B 193 20.41 -15.04 19.56
C LYS B 193 21.74 -14.37 19.19
N GLN B 194 22.39 -14.81 18.09
CA GLN B 194 23.65 -14.22 17.67
C GLN B 194 23.51 -13.45 16.35
N LEU B 195 22.26 -13.30 15.83
CA LEU B 195 22.02 -12.57 14.58
C LEU B 195 22.43 -11.11 14.76
N HIS B 196 22.90 -10.47 13.69
CA HIS B 196 23.31 -9.07 13.81
C HIS B 196 22.07 -8.19 13.93
N ASN B 197 22.28 -6.95 14.39
CA ASN B 197 21.25 -5.95 14.53
C ASN B 197 20.13 -6.38 15.48
N ARG B 198 20.50 -6.74 16.70
CA ARG B 198 19.53 -7.10 17.74
C ARG B 198 19.27 -5.78 18.48
N ARG B 199 18.00 -5.40 18.62
CA ARG B 199 17.66 -4.11 19.21
C ARG B 199 16.59 -4.25 20.27
N LEU B 200 16.67 -3.42 21.33
CA LEU B 200 15.69 -3.40 22.39
C LEU B 200 14.63 -2.39 21.98
N LEU B 201 13.43 -2.88 21.66
CA LEU B 201 12.34 -2.06 21.13
C LEU B 201 11.07 -2.18 21.93
N TRP B 202 10.21 -1.16 21.78
CA TRP B 202 8.93 -1.04 22.47
C TRP B 202 7.80 -1.71 21.73
N HIS B 203 6.81 -2.20 22.49
CA HIS B 203 5.54 -2.71 21.96
C HIS B 203 4.45 -2.39 23.00
N GLY B 204 3.57 -1.49 22.65
CA GLY B 204 2.44 -1.15 23.50
C GLY B 204 1.21 -1.92 23.12
N SER B 205 0.32 -2.11 24.07
CA SER B 205 -0.93 -2.82 23.83
C SER B 205 -1.87 -2.46 24.97
N ARG B 206 -3.16 -2.79 24.83
CA ARG B 206 -4.14 -2.50 25.87
C ARG B 206 -3.91 -3.47 27.01
N THR B 207 -4.25 -3.06 28.23
CA THR B 207 -4.06 -3.90 29.41
C THR B 207 -4.79 -5.23 29.24
N THR B 208 -5.95 -5.21 28.54
CA THR B 208 -6.76 -6.38 28.24
C THR B 208 -6.10 -7.39 27.26
N ASN B 209 -4.90 -7.10 26.71
CA ASN B 209 -4.16 -8.00 25.81
C ASN B 209 -3.02 -8.73 26.51
N PHE B 210 -2.59 -8.25 27.70
CA PHE B 210 -1.36 -8.75 28.35
C PHE B 210 -1.44 -10.16 28.90
N ALA B 211 -2.61 -10.67 29.29
CA ALA B 211 -2.68 -12.07 29.74
C ALA B 211 -2.37 -12.97 28.52
N GLY B 212 -2.91 -12.59 27.36
CA GLY B 212 -2.65 -13.26 26.09
C GLY B 212 -1.19 -13.13 25.65
N ILE B 213 -0.62 -11.91 25.74
CA ILE B 213 0.79 -11.66 25.38
C ILE B 213 1.75 -12.44 26.31
N LEU B 214 1.52 -12.41 27.61
CA LEU B 214 2.41 -13.11 28.52
C LEU B 214 2.30 -14.63 28.41
N SER B 215 1.08 -15.18 28.22
CA SER B 215 0.98 -16.64 28.09
C SER B 215 1.41 -17.18 26.73
N GLN B 216 1.06 -16.49 25.64
CA GLN B 216 1.32 -16.96 24.26
C GLN B 216 2.44 -16.20 23.52
N GLY B 217 2.87 -15.08 24.06
CA GLY B 217 3.90 -14.26 23.46
C GLY B 217 3.31 -13.35 22.41
N LEU B 218 4.13 -12.53 21.77
CA LEU B 218 3.61 -11.68 20.68
C LEU B 218 3.38 -12.58 19.48
N ARG B 219 2.19 -12.45 18.83
CA ARG B 219 1.83 -13.28 17.67
C ARG B 219 1.51 -12.45 16.46
N ILE B 220 1.57 -13.10 15.31
CA ILE B 220 1.23 -12.54 14.00
C ILE B 220 -0.27 -12.86 13.75
N ALA B 221 -0.95 -12.00 13.01
CA ALA B 221 -2.35 -12.21 12.62
C ALA B 221 -2.47 -13.56 11.86
N PRO B 222 -3.58 -14.33 12.05
CA PRO B 222 -3.67 -15.66 11.43
C PRO B 222 -3.72 -15.70 9.90
N PRO B 223 -3.53 -16.90 9.25
CA PRO B 223 -3.55 -16.96 7.77
C PRO B 223 -4.84 -16.38 7.18
N GLU B 224 -5.98 -16.56 7.88
CA GLU B 224 -7.30 -16.08 7.47
C GLU B 224 -7.43 -14.55 7.44
N ALA B 225 -6.58 -13.83 8.18
CA ALA B 225 -6.62 -12.36 8.26
C ALA B 225 -6.18 -11.67 6.94
N PRO B 226 -6.81 -10.55 6.53
CA PRO B 226 -6.40 -9.89 5.28
C PRO B 226 -5.07 -9.15 5.41
N VAL B 227 -4.09 -9.54 4.59
CA VAL B 227 -2.76 -8.89 4.57
C VAL B 227 -2.86 -7.36 4.31
N THR B 228 -3.87 -6.91 3.53
CA THR B 228 -4.05 -5.48 3.25
C THR B 228 -4.58 -4.72 4.44
N GLY B 229 -4.97 -5.45 5.49
CA GLY B 229 -5.44 -4.84 6.72
C GLY B 229 -4.30 -4.35 7.61
N TYR B 230 -3.05 -4.57 7.20
CA TYR B 230 -1.84 -4.19 7.97
C TYR B 230 -0.85 -3.44 7.08
N MET B 231 -0.35 -2.29 7.53
CA MET B 231 0.53 -1.42 6.75
C MET B 231 1.73 -2.12 6.08
N PHE B 232 2.42 -2.99 6.85
CA PHE B 232 3.55 -3.75 6.35
C PHE B 232 3.26 -5.25 6.38
N GLY B 233 2.00 -5.62 6.28
CA GLY B 233 1.65 -7.03 6.28
C GLY B 233 1.55 -7.64 7.68
N LYS B 234 1.37 -8.97 7.73
CA LYS B 234 1.14 -9.69 8.98
C LYS B 234 2.43 -10.06 9.71
N GLY B 235 2.91 -9.13 10.50
CA GLY B 235 4.11 -9.31 11.30
C GLY B 235 3.90 -8.82 12.71
N ILE B 236 4.99 -8.71 13.48
CA ILE B 236 4.93 -8.19 14.84
C ILE B 236 5.62 -6.83 14.75
N TYR B 237 4.90 -5.77 15.18
CA TYR B 237 5.31 -4.39 15.06
C TYR B 237 5.92 -3.80 16.32
N PHE B 238 7.04 -3.04 16.18
CA PHE B 238 7.74 -2.39 17.29
C PHE B 238 8.13 -0.97 16.91
N ALA B 239 8.44 -0.14 17.92
CA ALA B 239 8.89 1.21 17.72
C ALA B 239 10.15 1.47 18.55
N ASP B 240 10.95 2.49 18.17
CA ASP B 240 12.11 2.90 18.96
C ASP B 240 11.76 4.17 19.78
N MET B 241 10.52 4.70 19.60
CA MET B 241 10.01 5.90 20.30
C MET B 241 8.92 5.42 21.24
N VAL B 242 9.11 5.62 22.57
CA VAL B 242 8.16 5.15 23.58
C VAL B 242 6.72 5.63 23.32
N SER B 243 6.56 6.89 22.88
CA SER B 243 5.29 7.56 22.63
C SER B 243 4.52 6.95 21.48
N LYS B 244 5.25 6.43 20.48
CA LYS B 244 4.63 5.76 19.35
C LYS B 244 3.98 4.46 19.83
N SER B 245 4.69 3.71 20.69
CA SER B 245 4.15 2.47 21.24
C SER B 245 3.08 2.74 22.29
N ALA B 246 3.24 3.83 23.08
CA ALA B 246 2.31 4.28 24.13
C ALA B 246 0.92 4.60 23.57
N ASN B 247 0.83 5.05 22.31
CA ASN B 247 -0.45 5.33 21.68
C ASN B 247 -1.29 4.06 21.54
N TYR B 248 -0.64 2.89 21.41
CA TYR B 248 -1.30 1.59 21.31
C TYR B 248 -1.85 1.08 22.64
N CYS B 249 -1.54 1.78 23.78
CA CYS B 249 -2.07 1.41 25.10
C CYS B 249 -3.55 1.80 25.19
N HIS B 250 -3.98 2.83 24.41
CA HIS B 250 -5.35 3.34 24.35
C HIS B 250 -5.84 3.78 25.73
N THR B 251 -4.96 4.51 26.45
CA THR B 251 -5.23 5.10 27.76
C THR B 251 -6.08 6.34 27.54
N SER B 252 -6.88 6.68 28.55
CA SER B 252 -7.79 7.83 28.51
C SER B 252 -7.84 8.47 29.89
N GLN B 253 -8.73 9.47 30.06
CA GLN B 253 -8.94 10.20 31.32
C GLN B 253 -9.52 9.28 32.41
N GLY B 254 -10.29 8.27 32.00
CA GLY B 254 -10.89 7.29 32.92
C GLY B 254 -9.97 6.15 33.32
N ASP B 255 -9.02 5.80 32.42
CA ASP B 255 -8.03 4.74 32.61
C ASP B 255 -6.62 5.30 32.23
N PRO B 256 -5.93 6.00 33.15
CA PRO B 256 -4.63 6.59 32.80
C PRO B 256 -3.41 5.68 33.01
N ILE B 257 -3.64 4.39 33.35
CA ILE B 257 -2.56 3.44 33.60
C ILE B 257 -2.44 2.52 32.41
N GLY B 258 -1.23 2.44 31.85
CA GLY B 258 -0.96 1.58 30.71
C GLY B 258 0.21 0.63 30.91
N LEU B 259 0.31 -0.38 30.04
CA LEU B 259 1.40 -1.36 30.05
C LEU B 259 2.11 -1.36 28.70
N ILE B 260 3.43 -1.41 28.71
CA ILE B 260 4.24 -1.42 27.49
C ILE B 260 5.39 -2.42 27.67
N LEU B 261 5.75 -3.11 26.58
CA LEU B 261 6.84 -4.08 26.62
C LEU B 261 8.12 -3.53 26.05
N LEU B 262 9.23 -4.13 26.45
CA LEU B 262 10.55 -3.93 25.87
C LEU B 262 10.95 -5.32 25.46
N GLY B 263 11.21 -5.49 24.17
CA GLY B 263 11.62 -6.79 23.65
C GLY B 263 12.90 -6.69 22.88
N GLU B 264 13.70 -7.75 22.91
CA GLU B 264 14.92 -7.84 22.13
C GLU B 264 14.46 -8.40 20.81
N VAL B 265 14.72 -7.69 19.72
CA VAL B 265 14.26 -8.11 18.39
C VAL B 265 15.46 -8.33 17.48
N ALA B 266 15.57 -9.53 16.90
CA ALA B 266 16.65 -9.87 15.99
C ALA B 266 16.22 -9.44 14.61
N LEU B 267 16.67 -8.26 14.22
CA LEU B 267 16.27 -7.64 12.97
C LEU B 267 17.06 -8.10 11.75
N GLY B 268 18.35 -8.35 11.93
CA GLY B 268 19.22 -8.76 10.84
C GLY B 268 19.28 -7.72 9.75
N ASN B 269 19.23 -8.18 8.49
CA ASN B 269 19.25 -7.32 7.31
C ASN B 269 17.84 -6.75 7.12
N MET B 270 17.67 -5.45 7.38
CA MET B 270 16.37 -4.78 7.30
C MET B 270 16.01 -4.33 5.89
N TYR B 271 14.75 -4.53 5.52
CA TYR B 271 14.21 -4.09 4.24
C TYR B 271 13.55 -2.75 4.56
N GLU B 272 14.18 -1.67 4.09
CA GLU B 272 13.77 -0.31 4.41
C GLU B 272 12.69 0.23 3.49
N LEU B 273 11.55 0.63 4.08
CA LEU B 273 10.37 1.11 3.37
C LEU B 273 9.88 2.44 3.89
N LYS B 274 9.27 3.24 3.01
CA LYS B 274 8.76 4.58 3.35
C LYS B 274 7.23 4.65 3.32
N HIS B 275 6.58 3.73 2.60
CA HIS B 275 5.13 3.68 2.45
C HIS B 275 4.64 2.24 2.56
N ALA B 276 3.31 2.05 2.71
CA ALA B 276 2.67 0.74 2.86
C ALA B 276 3.09 -0.26 1.80
N SER B 277 3.33 -1.49 2.25
CA SER B 277 3.69 -2.62 1.43
C SER B 277 3.11 -3.84 2.15
N HIS B 278 1.99 -4.35 1.62
CA HIS B 278 1.26 -5.47 2.23
C HIS B 278 1.91 -6.77 1.81
N ILE B 279 3.12 -7.01 2.32
CA ILE B 279 3.91 -8.15 1.89
C ILE B 279 3.50 -9.45 2.54
N SER B 280 3.67 -10.56 1.77
CA SER B 280 3.38 -11.93 2.19
C SER B 280 4.65 -12.64 2.61
N LYS B 281 5.81 -12.20 2.07
CA LYS B 281 7.13 -12.71 2.39
C LYS B 281 8.17 -11.61 2.18
N LEU B 282 9.35 -11.74 2.79
CA LEU B 282 10.40 -10.76 2.65
C LEU B 282 11.25 -11.02 1.42
N PRO B 283 11.88 -9.98 0.80
CA PRO B 283 12.82 -10.26 -0.31
C PRO B 283 13.95 -11.15 0.21
N LYS B 284 14.50 -12.05 -0.64
CA LYS B 284 15.56 -12.97 -0.19
C LYS B 284 16.72 -12.24 0.46
N GLY B 285 17.17 -12.77 1.60
CA GLY B 285 18.26 -12.17 2.35
C GLY B 285 17.85 -11.13 3.37
N LYS B 286 16.54 -10.79 3.43
CA LYS B 286 16.05 -9.80 4.42
C LYS B 286 15.39 -10.52 5.59
N HIS B 287 15.55 -10.00 6.83
CA HIS B 287 15.01 -10.64 8.05
C HIS B 287 13.90 -9.86 8.73
N SER B 288 13.75 -8.59 8.33
CA SER B 288 12.75 -7.71 8.93
C SER B 288 12.49 -6.55 8.00
N VAL B 289 11.49 -5.73 8.34
CA VAL B 289 11.15 -4.48 7.64
C VAL B 289 11.42 -3.31 8.62
N LYS B 290 12.06 -2.27 8.13
CA LYS B 290 12.18 -1.04 8.90
C LYS B 290 11.37 0.02 8.13
N GLY B 291 10.30 0.51 8.74
CA GLY B 291 9.50 1.59 8.18
C GLY B 291 10.23 2.86 8.57
N LEU B 292 10.76 3.61 7.61
CA LEU B 292 11.58 4.81 7.87
C LEU B 292 10.81 6.05 8.30
N GLY B 293 11.06 6.52 9.51
CA GLY B 293 10.40 7.72 10.00
C GLY B 293 11.15 9.00 9.69
N LYS B 294 10.43 10.15 9.74
CA LYS B 294 10.99 11.50 9.59
C LYS B 294 11.96 11.80 10.72
N THR B 295 11.70 11.23 11.92
CA THR B 295 12.49 11.39 13.13
C THR B 295 13.03 10.04 13.61
N THR B 296 14.27 10.05 14.07
CA THR B 296 14.96 8.88 14.59
C THR B 296 15.72 9.25 15.89
N PRO B 297 15.87 8.32 16.89
CA PRO B 297 16.70 8.65 18.05
C PRO B 297 18.14 8.89 17.58
N ASP B 298 18.85 9.86 18.19
CA ASP B 298 20.22 10.20 17.80
C ASP B 298 21.14 8.95 17.87
N PRO B 299 21.70 8.49 16.70
CA PRO B 299 22.55 7.28 16.71
C PRO B 299 23.86 7.35 17.49
N SER B 300 24.37 8.57 17.72
CA SER B 300 25.59 8.76 18.50
C SER B 300 25.34 8.41 19.98
N ALA B 301 24.06 8.44 20.40
CA ALA B 301 23.62 8.16 21.77
C ALA B 301 23.18 6.70 21.99
N ASN B 302 23.45 5.81 21.00
CA ASN B 302 23.12 4.39 21.11
C ASN B 302 23.96 3.74 22.21
N ILE B 303 23.33 2.87 23.02
CA ILE B 303 24.03 2.20 24.12
C ILE B 303 23.79 0.67 24.07
N SER B 304 24.53 -0.10 24.90
CA SER B 304 24.39 -1.55 24.99
C SER B 304 23.93 -1.96 26.40
N LEU B 305 22.86 -2.78 26.45
CA LEU B 305 22.30 -3.36 27.66
C LEU B 305 22.19 -4.85 27.35
N ASP B 306 23.13 -5.63 27.93
CA ASP B 306 23.25 -7.09 27.77
C ASP B 306 23.56 -7.50 26.31
N GLY B 307 24.50 -6.77 25.68
CA GLY B 307 24.95 -7.00 24.30
C GLY B 307 23.99 -6.62 23.19
N VAL B 308 22.86 -5.98 23.55
CA VAL B 308 21.79 -5.57 22.61
C VAL B 308 21.78 -4.03 22.52
N ASP B 309 21.58 -3.46 21.30
CA ASP B 309 21.52 -2.01 21.12
C ASP B 309 20.24 -1.40 21.67
N VAL B 310 20.39 -0.31 22.45
CA VAL B 310 19.27 0.45 23.02
C VAL B 310 19.30 1.85 22.38
N PRO B 311 18.37 2.13 21.43
CA PRO B 311 18.38 3.45 20.75
C PRO B 311 17.69 4.54 21.56
N LEU B 312 18.25 4.86 22.71
CA LEU B 312 17.67 5.81 23.65
C LEU B 312 18.05 7.29 23.43
N GLY B 313 18.56 7.63 22.25
CA GLY B 313 18.90 9.03 21.97
C GLY B 313 17.67 9.88 21.77
N THR B 314 17.78 11.21 22.00
CA THR B 314 16.62 12.08 21.74
C THR B 314 16.41 12.15 20.22
N GLY B 315 15.16 12.41 19.83
CA GLY B 315 14.76 12.47 18.43
C GLY B 315 15.39 13.57 17.62
N ILE B 316 15.98 13.20 16.48
CA ILE B 316 16.61 14.12 15.53
C ILE B 316 16.08 13.78 14.13
N SER B 317 16.24 14.70 13.17
CA SER B 317 15.79 14.44 11.80
C SER B 317 16.60 13.28 11.24
N SER B 318 15.92 12.32 10.59
CA SER B 318 16.57 11.16 10.00
C SER B 318 17.20 11.54 8.66
N GLY B 319 16.70 12.62 8.06
CA GLY B 319 17.14 13.10 6.75
C GLY B 319 16.40 12.35 5.66
N VAL B 320 15.35 11.61 6.04
CA VAL B 320 14.53 10.85 5.11
C VAL B 320 13.37 11.77 4.69
N ASN B 321 13.26 12.00 3.37
CA ASN B 321 12.20 12.80 2.79
C ASN B 321 11.17 11.88 2.11
N ASP B 322 9.94 12.40 1.94
CA ASP B 322 8.83 11.71 1.30
C ASP B 322 8.54 10.34 1.97
N THR B 323 8.26 10.37 3.26
CA THR B 323 7.90 9.16 4.01
C THR B 323 6.53 9.34 4.64
N SER B 324 5.76 8.26 4.76
CA SER B 324 4.44 8.34 5.36
C SER B 324 4.52 8.27 6.91
N LEU B 325 5.71 7.99 7.45
CA LEU B 325 5.87 7.84 8.89
C LEU B 325 6.64 8.95 9.58
N LEU B 326 6.10 9.41 10.70
CA LEU B 326 6.75 10.41 11.53
C LEU B 326 7.90 9.76 12.30
N TYR B 327 7.71 8.50 12.72
CA TYR B 327 8.71 7.75 13.49
C TYR B 327 8.93 6.38 12.89
N ASN B 328 10.08 5.76 13.20
CA ASN B 328 10.43 4.44 12.73
C ASN B 328 9.51 3.37 13.24
N GLU B 329 9.42 2.27 12.51
CA GLU B 329 8.74 1.08 12.97
C GLU B 329 9.47 -0.14 12.45
N TYR B 330 9.46 -1.21 13.22
CA TYR B 330 10.19 -2.42 12.90
C TYR B 330 9.23 -3.55 12.91
N ILE B 331 9.34 -4.42 11.88
CA ILE B 331 8.44 -5.55 11.74
C ILE B 331 9.23 -6.81 11.51
N VAL B 332 8.89 -7.88 12.24
CA VAL B 332 9.44 -9.23 12.04
C VAL B 332 8.26 -10.16 11.69
N TYR B 333 8.54 -11.21 10.90
CA TYR B 333 7.50 -12.09 10.37
C TYR B 333 7.59 -13.51 10.86
N ASP B 334 8.42 -13.73 11.87
CA ASP B 334 8.62 -15.00 12.54
C ASP B 334 8.60 -14.66 14.02
N ILE B 335 7.68 -15.29 14.77
CA ILE B 335 7.51 -15.09 16.23
C ILE B 335 8.80 -15.41 17.02
N ALA B 336 9.68 -16.26 16.45
CA ALA B 336 10.93 -16.67 17.12
C ALA B 336 12.00 -15.55 17.15
N GLN B 337 11.79 -14.46 16.38
CA GLN B 337 12.72 -13.34 16.32
C GLN B 337 12.54 -12.35 17.48
N VAL B 338 11.61 -12.66 18.41
CA VAL B 338 11.29 -11.81 19.56
C VAL B 338 11.59 -12.52 20.87
N ASN B 339 12.30 -11.82 21.76
CA ASN B 339 12.55 -12.28 23.11
C ASN B 339 12.11 -11.15 24.05
N LEU B 340 10.93 -11.29 24.67
CA LEU B 340 10.39 -10.28 25.62
C LEU B 340 11.29 -10.15 26.86
N LYS B 341 11.64 -8.91 27.23
CA LYS B 341 12.59 -8.68 28.33
C LYS B 341 12.03 -7.95 29.52
N TYR B 342 11.28 -6.87 29.27
CA TYR B 342 10.71 -6.06 30.35
C TYR B 342 9.27 -5.70 30.05
N LEU B 343 8.55 -5.40 31.11
CA LEU B 343 7.18 -4.93 31.09
C LEU B 343 7.12 -3.71 32.00
N LEU B 344 6.66 -2.58 31.46
CA LEU B 344 6.58 -1.35 32.21
C LEU B 344 5.15 -0.97 32.48
N LYS B 345 4.87 -0.55 33.72
CA LYS B 345 3.54 -0.03 34.10
C LYS B 345 3.73 1.49 34.11
N LEU B 346 2.97 2.21 33.26
CA LEU B 346 3.12 3.66 33.14
C LEU B 346 1.89 4.45 33.52
N LYS B 347 2.11 5.69 34.01
CA LYS B 347 1.04 6.63 34.32
C LYS B 347 1.09 7.74 33.29
N PHE B 348 -0.07 8.02 32.70
CA PHE B 348 -0.21 9.04 31.68
C PHE B 348 -0.86 10.24 32.35
N ASN B 349 -0.10 11.33 32.50
CA ASN B 349 -0.56 12.59 33.07
C ASN B 349 -1.04 13.48 31.92
N PHE B 350 -2.30 13.27 31.50
CA PHE B 350 -2.94 14.01 30.40
C PHE B 350 -3.00 15.50 30.69
N LYS B 351 -2.32 16.30 29.86
CA LYS B 351 -2.24 17.75 30.06
C LYS B 351 -3.40 18.49 29.42
N THR B 352 -4.06 19.34 30.23
CA THR B 352 -5.21 20.15 29.80
C THR B 352 -4.92 21.62 30.02
#